data_7SAP
# 
_entry.id   7SAP 
# 
_audit_conform.dict_name       mmcif_pdbx.dic 
_audit_conform.dict_version    5.397 
_audit_conform.dict_location   http://mmcif.pdb.org/dictionaries/ascii/mmcif_pdbx.dic 
# 
loop_
_database_2.database_id 
_database_2.database_code 
_database_2.pdbx_database_accession 
_database_2.pdbx_DOI 
PDB   7SAP         pdb_00007sap 10.2210/pdb7sap/pdb 
WWPDB D_1000259936 ?            ?                   
# 
loop_
_pdbx_audit_revision_history.ordinal 
_pdbx_audit_revision_history.data_content_type 
_pdbx_audit_revision_history.major_revision 
_pdbx_audit_revision_history.minor_revision 
_pdbx_audit_revision_history.revision_date 
1 'Structure model' 1 0 2022-08-03 
2 'Structure model' 1 1 2023-10-18 
3 'Structure model' 1 2 2024-10-23 
# 
_pdbx_audit_revision_details.ordinal             1 
_pdbx_audit_revision_details.revision_ordinal    1 
_pdbx_audit_revision_details.data_content_type   'Structure model' 
_pdbx_audit_revision_details.provider            repository 
_pdbx_audit_revision_details.type                'Initial release' 
_pdbx_audit_revision_details.description         ? 
_pdbx_audit_revision_details.details             ? 
# 
loop_
_pdbx_audit_revision_group.ordinal 
_pdbx_audit_revision_group.revision_ordinal 
_pdbx_audit_revision_group.data_content_type 
_pdbx_audit_revision_group.group 
1 2 'Structure model' 'Data collection'        
2 2 'Structure model' 'Refinement description' 
3 3 'Structure model' 'Structure summary'      
# 
loop_
_pdbx_audit_revision_category.ordinal 
_pdbx_audit_revision_category.revision_ordinal 
_pdbx_audit_revision_category.data_content_type 
_pdbx_audit_revision_category.category 
1 2 'Structure model' chem_comp_atom                
2 2 'Structure model' chem_comp_bond                
3 2 'Structure model' pdbx_initial_refinement_model 
4 3 'Structure model' pdbx_entry_details            
5 3 'Structure model' pdbx_modification_feature     
# 
_pdbx_audit_revision_item.ordinal             1 
_pdbx_audit_revision_item.revision_ordinal    3 
_pdbx_audit_revision_item.data_content_type   'Structure model' 
_pdbx_audit_revision_item.item                '_pdbx_entry_details.has_protein_modification' 
# 
_database_PDB_caveat.id     1 
_database_PDB_caveat.text   
;Residues CYS A 31 and LEU A 32 that are next to each other in the sample sequence are not properly linked: distance between C and N is 1.69 A.
;
# 
_pdbx_database_status.status_code                     REL 
_pdbx_database_status.status_code_sf                  REL 
_pdbx_database_status.status_code_mr                  ? 
_pdbx_database_status.entry_id                        7SAP 
_pdbx_database_status.recvd_initial_deposition_date   2021-09-23 
_pdbx_database_status.SG_entry                        N 
_pdbx_database_status.deposit_site                    RCSB 
_pdbx_database_status.process_site                    RCSB 
_pdbx_database_status.status_code_cs                  ? 
_pdbx_database_status.status_code_nmr_data            ? 
_pdbx_database_status.methods_development_category    ? 
_pdbx_database_status.pdb_format_compatible           Y 
# 
loop_
_audit_author.name 
_audit_author.pdbx_ordinal 
_audit_author.identifier_ORCID 
'Gewe, M.M.'   1 0000-0001-9587-7283 
'Strong, R.K.' 2 0000-0002-1338-2189 
# 
_citation.abstract                  ? 
_citation.abstract_id_CAS           ? 
_citation.book_id_ISBN              ? 
_citation.book_publisher            ? 
_citation.book_publisher_city       ? 
_citation.book_title                ? 
_citation.coordinate_linkage        ? 
_citation.country                   US 
_citation.database_id_Medline       ? 
_citation.details                   ? 
_citation.id                        primary 
_citation.journal_abbrev            'Sci Transl Med' 
_citation.journal_id_ASTM           ? 
_citation.journal_id_CSD            ? 
_citation.journal_id_ISSN           1946-6242 
_citation.journal_full              ? 
_citation.journal_issue             ? 
_citation.journal_volume            14 
_citation.language                  ? 
_citation.page_first                eabn0402 
_citation.page_last                 eabn0402 
_citation.title                     'Ex silico engineering of cystine-dense peptides yielding a potent bispecific T cell engager.' 
_citation.year                      2022 
_citation.database_id_CSD           ? 
_citation.pdbx_database_id_DOI      10.1126/scitranslmed.abn0402 
_citation.pdbx_database_id_PubMed   35584229 
_citation.pdbx_database_id_patent   ? 
_citation.unpublished_flag          ? 
# 
loop_
_citation_author.citation_id 
_citation_author.name 
_citation_author.ordinal 
_citation_author.identifier_ORCID 
primary 'Crook, Z.R.'       1  0000-0002-1142-9748 
primary 'Girard, E.J.'      2  0000-0003-1857-0194 
primary 'Sevilla, G.P.'     3  0000-0002-6590-9413 
primary 'Brusniak, M.Y.'    4  0000-0003-3950-1614 
primary 'Rupert, P.B.'      5  0000-0003-1011-0302 
primary 'Friend, D.J.'      6  ?                   
primary 'Gewe, M.M.'        7  0000-0001-9587-7283 
primary 'Clarke, M.'        8  0000-0002-2402-108X 
primary 'Lin, I.'           9  ?                   
primary 'Ruff, R.'          10 0000-0002-7189-1221 
primary 'Pakiam, F.'        11 0000-0001-6292-1137 
primary 'Phi, T.D.'         12 ?                   
primary 'Bandaranayake, A.' 13 ?                   
primary 'Correnti, C.E.'    14 0000-0003-3710-9619 
primary 'Mhyre, A.J.'       15 0000-0002-9206-3150 
primary 'Nairn, N.W.'       16 0000-0003-1293-345X 
primary 'Strong, R.K.'      17 0000-0002-1338-2189 
primary 'Olson, J.M.'       18 0000-0001-5990-6534 
# 
loop_
_entity.id 
_entity.type 
_entity.src_method 
_entity.pdbx_description 
_entity.formula_weight 
_entity.pdbx_number_of_molecules 
_entity.pdbx_ec 
_entity.pdbx_mutation 
_entity.pdbx_fragment 
_entity.details 
1 polymer     man 'Serine protease inhibitor I/II-like Protein' 3600.058 2  ? ? ? ? 
2 non-polymer syn GLYCEROL                                      92.094   2  ? ? ? ? 
3 water       nat water                                         18.015   62 ? ? ? ? 
# 
_entity_poly.entity_id                      1 
_entity_poly.type                           'polypeptide(L)' 
_entity_poly.nstd_linkage                   no 
_entity_poly.nstd_monomer                   no 
_entity_poly.pdbx_seq_one_letter_code       GSSCQPGTTFRRDCNTCVCNRDGTNAACTLRACL 
_entity_poly.pdbx_seq_one_letter_code_can   GSSCQPGTTFRRDCNTCVCNRDGTNAACTLRACL 
_entity_poly.pdbx_strand_id                 A,B 
_entity_poly.pdbx_target_identifier         ? 
# 
loop_
_pdbx_entity_nonpoly.entity_id 
_pdbx_entity_nonpoly.name 
_pdbx_entity_nonpoly.comp_id 
2 GLYCEROL GOL 
3 water    HOH 
# 
loop_
_entity_poly_seq.entity_id 
_entity_poly_seq.num 
_entity_poly_seq.mon_id 
_entity_poly_seq.hetero 
1 1  GLY n 
1 2  SER n 
1 3  SER n 
1 4  CYS n 
1 5  GLN n 
1 6  PRO n 
1 7  GLY n 
1 8  THR n 
1 9  THR n 
1 10 PHE n 
1 11 ARG n 
1 12 ARG n 
1 13 ASP n 
1 14 CYS n 
1 15 ASN n 
1 16 THR n 
1 17 CYS n 
1 18 VAL n 
1 19 CYS n 
1 20 ASN n 
1 21 ARG n 
1 22 ASP n 
1 23 GLY n 
1 24 THR n 
1 25 ASN n 
1 26 ALA n 
1 27 ALA n 
1 28 CYS n 
1 29 THR n 
1 30 LEU n 
1 31 ARG n 
1 32 ALA n 
1 33 CYS n 
1 34 LEU n 
# 
_entity_src_gen.entity_id                          1 
_entity_src_gen.pdbx_src_id                        1 
_entity_src_gen.pdbx_alt_source_flag               sample 
_entity_src_gen.pdbx_seq_type                      'Biological sequence' 
_entity_src_gen.pdbx_beg_seq_num                   1 
_entity_src_gen.pdbx_end_seq_num                   34 
_entity_src_gen.gene_src_common_name               ? 
_entity_src_gen.gene_src_genus                     ? 
_entity_src_gen.pdbx_gene_src_gene                 ? 
_entity_src_gen.gene_src_species                   ? 
_entity_src_gen.gene_src_strain                    ? 
_entity_src_gen.gene_src_tissue                    ? 
_entity_src_gen.gene_src_tissue_fraction           ? 
_entity_src_gen.gene_src_details                   ? 
_entity_src_gen.pdbx_gene_src_fragment             ? 
_entity_src_gen.pdbx_gene_src_scientific_name      'Tribolium castaneum' 
_entity_src_gen.pdbx_gene_src_ncbi_taxonomy_id     7070 
_entity_src_gen.pdbx_gene_src_variant              ? 
_entity_src_gen.pdbx_gene_src_cell_line            ? 
_entity_src_gen.pdbx_gene_src_atcc                 ? 
_entity_src_gen.pdbx_gene_src_organ                ? 
_entity_src_gen.pdbx_gene_src_organelle            ? 
_entity_src_gen.pdbx_gene_src_cell                 ? 
_entity_src_gen.pdbx_gene_src_cellular_location    ? 
_entity_src_gen.host_org_common_name               ? 
_entity_src_gen.pdbx_host_org_scientific_name      'Homo sapiens' 
_entity_src_gen.pdbx_host_org_ncbi_taxonomy_id     9606 
_entity_src_gen.host_org_genus                     ? 
_entity_src_gen.pdbx_host_org_gene                 ? 
_entity_src_gen.pdbx_host_org_organ                ? 
_entity_src_gen.host_org_species                   ? 
_entity_src_gen.pdbx_host_org_tissue               ? 
_entity_src_gen.pdbx_host_org_tissue_fraction      ? 
_entity_src_gen.pdbx_host_org_strain               ? 
_entity_src_gen.pdbx_host_org_variant              ? 
_entity_src_gen.pdbx_host_org_cell_line            ? 
_entity_src_gen.pdbx_host_org_atcc                 ? 
_entity_src_gen.pdbx_host_org_culture_collection   ? 
_entity_src_gen.pdbx_host_org_cell                 ? 
_entity_src_gen.pdbx_host_org_organelle            ? 
_entity_src_gen.pdbx_host_org_cellular_location    ? 
_entity_src_gen.pdbx_host_org_vector_type          ? 
_entity_src_gen.pdbx_host_org_vector               ? 
_entity_src_gen.host_org_details                   ? 
_entity_src_gen.expression_system_id               ? 
_entity_src_gen.plasmid_name                       ? 
_entity_src_gen.plasmid_details                    ? 
_entity_src_gen.pdbx_description                   ? 
# 
loop_
_chem_comp.id 
_chem_comp.type 
_chem_comp.mon_nstd_flag 
_chem_comp.name 
_chem_comp.pdbx_synonyms 
_chem_comp.formula 
_chem_comp.formula_weight 
ALA 'L-peptide linking' y ALANINE         ?                               'C3 H7 N O2'     89.093  
ARG 'L-peptide linking' y ARGININE        ?                               'C6 H15 N4 O2 1' 175.209 
ASN 'L-peptide linking' y ASPARAGINE      ?                               'C4 H8 N2 O3'    132.118 
ASP 'L-peptide linking' y 'ASPARTIC ACID' ?                               'C4 H7 N O4'     133.103 
CYS 'L-peptide linking' y CYSTEINE        ?                               'C3 H7 N O2 S'   121.158 
GLN 'L-peptide linking' y GLUTAMINE       ?                               'C5 H10 N2 O3'   146.144 
GLY 'peptide linking'   y GLYCINE         ?                               'C2 H5 N O2'     75.067  
GOL non-polymer         . GLYCEROL        'GLYCERIN; PROPANE-1,2,3-TRIOL' 'C3 H8 O3'       92.094  
HOH non-polymer         . WATER           ?                               'H2 O'           18.015  
LEU 'L-peptide linking' y LEUCINE         ?                               'C6 H13 N O2'    131.173 
PHE 'L-peptide linking' y PHENYLALANINE   ?                               'C9 H11 N O2'    165.189 
PRO 'L-peptide linking' y PROLINE         ?                               'C5 H9 N O2'     115.130 
SER 'L-peptide linking' y SERINE          ?                               'C3 H7 N O3'     105.093 
THR 'L-peptide linking' y THREONINE       ?                               'C4 H9 N O3'     119.119 
VAL 'L-peptide linking' y VALINE          ?                               'C5 H11 N O2'    117.146 
# 
loop_
_pdbx_poly_seq_scheme.asym_id 
_pdbx_poly_seq_scheme.entity_id 
_pdbx_poly_seq_scheme.seq_id 
_pdbx_poly_seq_scheme.mon_id 
_pdbx_poly_seq_scheme.ndb_seq_num 
_pdbx_poly_seq_scheme.pdb_seq_num 
_pdbx_poly_seq_scheme.auth_seq_num 
_pdbx_poly_seq_scheme.pdb_mon_id 
_pdbx_poly_seq_scheme.auth_mon_id 
_pdbx_poly_seq_scheme.pdb_strand_id 
_pdbx_poly_seq_scheme.pdb_ins_code 
_pdbx_poly_seq_scheme.hetero 
A 1 1  GLY 1  -1 ?  ?   ?   A . n 
A 1 2  SER 2  0  0  SER SER A . n 
A 1 3  SER 3  1  1  SER SER A . n 
A 1 4  CYS 4  2  2  CYS CYS A . n 
A 1 5  GLN 5  3  3  GLN GLN A . n 
A 1 6  PRO 6  4  4  PRO PRO A . n 
A 1 7  GLY 7  5  5  GLY GLY A . n 
A 1 8  THR 8  6  6  THR THR A . n 
A 1 9  THR 9  7  7  THR THR A . n 
A 1 10 PHE 10 8  8  PHE PHE A . n 
A 1 11 ARG 11 9  9  ARG ARG A . n 
A 1 12 ARG 12 10 10 ARG ARG A . n 
A 1 13 ASP 13 11 11 ASP ASP A . n 
A 1 14 CYS 14 12 12 CYS CYS A . n 
A 1 15 ASN 15 13 13 ASN ASN A . n 
A 1 16 THR 16 14 14 THR THR A . n 
A 1 17 CYS 17 15 15 CYS CYS A . n 
A 1 18 VAL 18 16 16 VAL VAL A . n 
A 1 19 CYS 19 17 17 CYS CYS A . n 
A 1 20 ASN 20 18 18 ASN ASN A . n 
A 1 21 ARG 21 19 19 ARG ARG A . n 
A 1 22 ASP 22 20 20 ASP ASP A . n 
A 1 23 GLY 23 21 21 GLY GLY A . n 
A 1 24 THR 24 22 22 THR THR A . n 
A 1 25 ASN 25 23 23 ASN ASN A . n 
A 1 26 ALA 26 24 24 ALA ALA A . n 
A 1 27 ALA 27 25 25 ALA ALA A . n 
A 1 28 CYS 28 26 26 CYS CYS A . n 
A 1 29 THR 29 27 27 THR THR A . n 
A 1 30 LEU 30 28 28 LEU LEU A . n 
A 1 31 ARG 31 29 29 ARG ARG A . n 
A 1 32 ALA 32 30 30 ALA ALA A . n 
A 1 33 CYS 33 31 31 CYS CYS A . n 
A 1 34 LEU 34 32 32 LEU LEU A . n 
B 1 1  GLY 1  -1 -1 GLY GLY B . n 
B 1 2  SER 2  0  0  SER SER B . n 
B 1 3  SER 3  1  1  SER SER B . n 
B 1 4  CYS 4  2  2  CYS CYS B . n 
B 1 5  GLN 5  3  3  GLN GLN B . n 
B 1 6  PRO 6  4  4  PRO PRO B . n 
B 1 7  GLY 7  5  5  GLY GLY B . n 
B 1 8  THR 8  6  6  THR THR B . n 
B 1 9  THR 9  7  7  THR THR B . n 
B 1 10 PHE 10 8  8  PHE PHE B . n 
B 1 11 ARG 11 9  9  ARG ARG B . n 
B 1 12 ARG 12 10 10 ARG ARG B . n 
B 1 13 ASP 13 11 11 ASP ASP B . n 
B 1 14 CYS 14 12 12 CYS CYS B . n 
B 1 15 ASN 15 13 13 ASN ASN B . n 
B 1 16 THR 16 14 14 THR THR B . n 
B 1 17 CYS 17 15 15 CYS CYS B . n 
B 1 18 VAL 18 16 16 VAL VAL B . n 
B 1 19 CYS 19 17 17 CYS CYS B . n 
B 1 20 ASN 20 18 18 ASN ASN B . n 
B 1 21 ARG 21 19 19 ARG ARG B . n 
B 1 22 ASP 22 20 20 ASP ASP B . n 
B 1 23 GLY 23 21 21 GLY GLY B . n 
B 1 24 THR 24 22 22 THR THR B . n 
B 1 25 ASN 25 23 23 ASN ASN B . n 
B 1 26 ALA 26 24 24 ALA ALA B . n 
B 1 27 ALA 27 25 25 ALA ALA B . n 
B 1 28 CYS 28 26 26 CYS CYS B . n 
B 1 29 THR 29 27 27 THR THR B . n 
B 1 30 LEU 30 28 28 LEU LEU B . n 
B 1 31 ARG 31 29 29 ARG ARG B . n 
B 1 32 ALA 32 30 30 ALA ALA B . n 
B 1 33 CYS 33 31 31 CYS CYS B . n 
B 1 34 LEU 34 32 32 LEU LEU B . n 
# 
_pdbx_entity_instance_feature.ordinal        1 
_pdbx_entity_instance_feature.comp_id        GOL 
_pdbx_entity_instance_feature.asym_id        ? 
_pdbx_entity_instance_feature.seq_num        ? 
_pdbx_entity_instance_feature.auth_comp_id   GOL 
_pdbx_entity_instance_feature.auth_asym_id   ? 
_pdbx_entity_instance_feature.auth_seq_num   ? 
_pdbx_entity_instance_feature.feature_type   'SUBJECT OF INVESTIGATION' 
_pdbx_entity_instance_feature.details        ? 
# 
loop_
_pdbx_nonpoly_scheme.asym_id 
_pdbx_nonpoly_scheme.entity_id 
_pdbx_nonpoly_scheme.mon_id 
_pdbx_nonpoly_scheme.ndb_seq_num 
_pdbx_nonpoly_scheme.pdb_seq_num 
_pdbx_nonpoly_scheme.auth_seq_num 
_pdbx_nonpoly_scheme.pdb_mon_id 
_pdbx_nonpoly_scheme.auth_mon_id 
_pdbx_nonpoly_scheme.pdb_strand_id 
_pdbx_nonpoly_scheme.pdb_ins_code 
C 2 GOL 1  101 2  GOL GOL A . 
D 2 GOL 1  101 1  GOL GOL B . 
E 3 HOH 1  201 46 HOH HOH A . 
E 3 HOH 2  202 33 HOH HOH A . 
E 3 HOH 3  203 36 HOH HOH A . 
E 3 HOH 4  204 23 HOH HOH A . 
E 3 HOH 5  205 5  HOH HOH A . 
E 3 HOH 6  206 50 HOH HOH A . 
E 3 HOH 7  207 56 HOH HOH A . 
E 3 HOH 8  208 10 HOH HOH A . 
E 3 HOH 9  209 16 HOH HOH A . 
E 3 HOH 10 210 8  HOH HOH A . 
E 3 HOH 11 211 32 HOH HOH A . 
E 3 HOH 12 212 55 HOH HOH A . 
E 3 HOH 13 213 30 HOH HOH A . 
E 3 HOH 14 214 63 HOH HOH A . 
E 3 HOH 15 215 18 HOH HOH A . 
E 3 HOH 16 216 19 HOH HOH A . 
E 3 HOH 17 217 60 HOH HOH A . 
E 3 HOH 18 218 52 HOH HOH A . 
E 3 HOH 19 219 9  HOH HOH A . 
E 3 HOH 20 220 20 HOH HOH A . 
E 3 HOH 21 221 47 HOH HOH A . 
E 3 HOH 22 222 58 HOH HOH A . 
E 3 HOH 23 223 54 HOH HOH A . 
E 3 HOH 24 224 42 HOH HOH A . 
E 3 HOH 25 225 31 HOH HOH A . 
E 3 HOH 26 226 34 HOH HOH A . 
E 3 HOH 27 227 48 HOH HOH A . 
E 3 HOH 28 228 1  HOH HOH A . 
E 3 HOH 29 229 15 HOH HOH A . 
E 3 HOH 30 230 59 HOH HOH A . 
E 3 HOH 31 231 49 HOH HOH A . 
E 3 HOH 32 232 12 HOH HOH A . 
E 3 HOH 33 233 43 HOH HOH A . 
E 3 HOH 34 234 29 HOH HOH A . 
E 3 HOH 35 235 51 HOH HOH A . 
F 3 HOH 1  201 7  HOH HOH B . 
F 3 HOH 2  202 28 HOH HOH B . 
F 3 HOH 3  203 26 HOH HOH B . 
F 3 HOH 4  204 22 HOH HOH B . 
F 3 HOH 5  205 21 HOH HOH B . 
F 3 HOH 6  206 4  HOH HOH B . 
F 3 HOH 7  207 40 HOH HOH B . 
F 3 HOH 8  208 11 HOH HOH B . 
F 3 HOH 9  209 41 HOH HOH B . 
F 3 HOH 10 210 2  HOH HOH B . 
F 3 HOH 11 211 35 HOH HOH B . 
F 3 HOH 12 212 39 HOH HOH B . 
F 3 HOH 13 213 6  HOH HOH B . 
F 3 HOH 14 214 62 HOH HOH B . 
F 3 HOH 15 215 25 HOH HOH B . 
F 3 HOH 16 216 17 HOH HOH B . 
F 3 HOH 17 217 14 HOH HOH B . 
F 3 HOH 18 218 3  HOH HOH B . 
F 3 HOH 19 219 44 HOH HOH B . 
F 3 HOH 20 220 27 HOH HOH B . 
F 3 HOH 21 221 37 HOH HOH B . 
F 3 HOH 22 222 38 HOH HOH B . 
F 3 HOH 23 223 45 HOH HOH B . 
F 3 HOH 24 224 24 HOH HOH B . 
F 3 HOH 25 225 61 HOH HOH B . 
F 3 HOH 26 226 57 HOH HOH B . 
F 3 HOH 27 227 53 HOH HOH B . 
# 
loop_
_software.citation_id 
_software.classification 
_software.compiler_name 
_software.compiler_version 
_software.contact_author 
_software.contact_author_email 
_software.date 
_software.description 
_software.dependencies 
_software.hardware 
_software.language 
_software.location 
_software.mods 
_software.name 
_software.os 
_software.os_version 
_software.type 
_software.version 
_software.pdbx_ordinal 
? refinement        ? ? ? ? ? ? ? ? ? ? ? REFMAC      ? ? ? 5.8.0267 1 
? 'data extraction' ? ? ? ? ? ? ? ? ? ? ? PDB_EXTRACT ? ? ? 3.27     2 
? 'data reduction'  ? ? ? ? ? ? ? ? ? ? ? HKL-2000    ? ? ? .        3 
? 'data scaling'    ? ? ? ? ? ? ? ? ? ? ? HKL-2000    ? ? ? .        4 
? phasing           ? ? ? ? ? ? ? ? ? ? ? PHASER      ? ? ? .        5 
# 
_cell.angle_alpha                  90.000 
_cell.angle_alpha_esd              ? 
_cell.angle_beta                   104.550 
_cell.angle_beta_esd               ? 
_cell.angle_gamma                  90.000 
_cell.angle_gamma_esd              ? 
_cell.entry_id                     7SAP 
_cell.details                      ? 
_cell.formula_units_Z              ? 
_cell.length_a                     19.774 
_cell.length_a_esd                 ? 
_cell.length_b                     50.502 
_cell.length_b_esd                 ? 
_cell.length_c                     25.327 
_cell.length_c_esd                 ? 
_cell.volume                       ? 
_cell.volume_esd                   ? 
_cell.Z_PDB                        4 
_cell.reciprocal_angle_alpha       ? 
_cell.reciprocal_angle_beta        ? 
_cell.reciprocal_angle_gamma       ? 
_cell.reciprocal_angle_alpha_esd   ? 
_cell.reciprocal_angle_beta_esd    ? 
_cell.reciprocal_angle_gamma_esd   ? 
_cell.reciprocal_length_a          ? 
_cell.reciprocal_length_b          ? 
_cell.reciprocal_length_c          ? 
_cell.reciprocal_length_a_esd      ? 
_cell.reciprocal_length_b_esd      ? 
_cell.reciprocal_length_c_esd      ? 
_cell.pdbx_unique_axis             ? 
# 
_symmetry.entry_id                         7SAP 
_symmetry.cell_setting                     ? 
_symmetry.Int_Tables_number                4 
_symmetry.space_group_name_Hall            ? 
_symmetry.space_group_name_H-M             'P 1 21 1' 
_symmetry.pdbx_full_space_group_name_H-M   ? 
# 
_exptl.absorpt_coefficient_mu     ? 
_exptl.absorpt_correction_T_max   ? 
_exptl.absorpt_correction_T_min   ? 
_exptl.absorpt_correction_type    ? 
_exptl.absorpt_process_details    ? 
_exptl.entry_id                   7SAP 
_exptl.crystals_number            1 
_exptl.details                    ? 
_exptl.method                     'X-RAY DIFFRACTION' 
_exptl.method_details             ? 
# 
_exptl_crystal.colour                      ? 
_exptl_crystal.density_diffrn              ? 
_exptl_crystal.density_Matthews            1.70 
_exptl_crystal.density_method              ? 
_exptl_crystal.density_percent_sol         27.65 
_exptl_crystal.description                 ? 
_exptl_crystal.F_000                       ? 
_exptl_crystal.id                          1 
_exptl_crystal.preparation                 ? 
_exptl_crystal.size_max                    ? 
_exptl_crystal.size_mid                    ? 
_exptl_crystal.size_min                    ? 
_exptl_crystal.size_rad                    ? 
_exptl_crystal.colour_lustre               ? 
_exptl_crystal.colour_modifier             ? 
_exptl_crystal.colour_primary              ? 
_exptl_crystal.density_meas                ? 
_exptl_crystal.density_meas_esd            ? 
_exptl_crystal.density_meas_gt             ? 
_exptl_crystal.density_meas_lt             ? 
_exptl_crystal.density_meas_temp           ? 
_exptl_crystal.density_meas_temp_esd       ? 
_exptl_crystal.density_meas_temp_gt        ? 
_exptl_crystal.density_meas_temp_lt        ? 
_exptl_crystal.pdbx_crystal_image_url      ? 
_exptl_crystal.pdbx_crystal_image_format   ? 
_exptl_crystal.pdbx_mosaicity              ? 
_exptl_crystal.pdbx_mosaicity_esd          ? 
# 
_exptl_crystal_grow.apparatus       ? 
_exptl_crystal_grow.atmosphere      ? 
_exptl_crystal_grow.crystal_id      1 
_exptl_crystal_grow.details         ? 
_exptl_crystal_grow.method          'VAPOR DIFFUSION, SITTING DROP' 
_exptl_crystal_grow.method_ref      ? 
_exptl_crystal_grow.pH              6.5 
_exptl_crystal_grow.pressure        ? 
_exptl_crystal_grow.pressure_esd    ? 
_exptl_crystal_grow.seeding         ? 
_exptl_crystal_grow.seeding_ref     ? 
_exptl_crystal_grow.temp            298 
_exptl_crystal_grow.temp_details    ? 
_exptl_crystal_grow.temp_esd        ? 
_exptl_crystal_grow.time            ? 
_exptl_crystal_grow.pdbx_details    
'Crystals grew after ~6 months from sparse matrix screen JCSG+ Suite C10 (0.1 M MES pH 6.5, 25 % (w/v) PEG 8000)' 
_exptl_crystal_grow.pdbx_pH_range   ? 
# 
_diffrn.ambient_environment              ? 
_diffrn.ambient_temp                     100 
_diffrn.ambient_temp_details             ? 
_diffrn.ambient_temp_esd                 ? 
_diffrn.crystal_id                       1 
_diffrn.crystal_support                  ? 
_diffrn.crystal_treatment                ? 
_diffrn.details                          ? 
_diffrn.id                               1 
_diffrn.ambient_pressure                 ? 
_diffrn.ambient_pressure_esd             ? 
_diffrn.ambient_pressure_gt              ? 
_diffrn.ambient_pressure_lt              ? 
_diffrn.ambient_temp_gt                  ? 
_diffrn.ambient_temp_lt                  ? 
_diffrn.pdbx_serial_crystal_experiment   N 
# 
_diffrn_detector.details                      ? 
_diffrn_detector.detector                     CCD 
_diffrn_detector.diffrn_id                    1 
_diffrn_detector.type                         'RIGAKU SATURN 944+' 
_diffrn_detector.area_resol_mean              ? 
_diffrn_detector.dtime                        ? 
_diffrn_detector.pdbx_frames_total            ? 
_diffrn_detector.pdbx_collection_time_total   ? 
_diffrn_detector.pdbx_collection_date         2016-11-11 
_diffrn_detector.pdbx_frequency               ? 
# 
_diffrn_radiation.collimation                      ? 
_diffrn_radiation.diffrn_id                        1 
_diffrn_radiation.filter_edge                      ? 
_diffrn_radiation.inhomogeneity                    ? 
_diffrn_radiation.monochromator                    M 
_diffrn_radiation.polarisn_norm                    ? 
_diffrn_radiation.polarisn_ratio                   ? 
_diffrn_radiation.probe                            ? 
_diffrn_radiation.type                             ? 
_diffrn_radiation.xray_symbol                      ? 
_diffrn_radiation.wavelength_id                    1 
_diffrn_radiation.pdbx_monochromatic_or_laue_m_l   M 
_diffrn_radiation.pdbx_wavelength_list             ? 
_diffrn_radiation.pdbx_wavelength                  ? 
_diffrn_radiation.pdbx_diffrn_protocol             'SINGLE WAVELENGTH' 
_diffrn_radiation.pdbx_analyzer                    ? 
_diffrn_radiation.pdbx_scattering_type             x-ray 
# 
_diffrn_radiation_wavelength.id           1 
_diffrn_radiation_wavelength.wavelength   1.54 
_diffrn_radiation_wavelength.wt           1.0 
# 
_diffrn_source.current                     ? 
_diffrn_source.details                     ? 
_diffrn_source.diffrn_id                   1 
_diffrn_source.power                       ? 
_diffrn_source.size                        ? 
_diffrn_source.source                      'ROTATING ANODE' 
_diffrn_source.target                      ? 
_diffrn_source.type                        'RIGAKU MICROMAX-007 HF' 
_diffrn_source.voltage                     ? 
_diffrn_source.take-off_angle              ? 
_diffrn_source.pdbx_wavelength_list        1.54 
_diffrn_source.pdbx_wavelength             ? 
_diffrn_source.pdbx_synchrotron_beamline   ? 
_diffrn_source.pdbx_synchrotron_site       ? 
# 
_reflns.B_iso_Wilson_estimate                          15.44 
_reflns.entry_id                                       7SAP 
_reflns.data_reduction_details                         ? 
_reflns.data_reduction_method                          ? 
_reflns.d_resolution_high                              1.79 
_reflns.d_resolution_low                               25.25 
_reflns.details                                        ? 
_reflns.limit_h_max                                    ? 
_reflns.limit_h_min                                    ? 
_reflns.limit_k_max                                    ? 
_reflns.limit_k_min                                    ? 
_reflns.limit_l_max                                    ? 
_reflns.limit_l_min                                    ? 
_reflns.number_all                                     ? 
_reflns.number_obs                                     3164 
_reflns.observed_criterion                             ? 
_reflns.observed_criterion_F_max                       ? 
_reflns.observed_criterion_F_min                       ? 
_reflns.observed_criterion_I_max                       ? 
_reflns.observed_criterion_I_min                       ? 
_reflns.observed_criterion_sigma_F                     ? 
_reflns.observed_criterion_sigma_I                     ? 
_reflns.percent_possible_obs                           69 
_reflns.R_free_details                                 ? 
_reflns.Rmerge_F_all                                   ? 
_reflns.Rmerge_F_obs                                   ? 
_reflns.Friedel_coverage                               ? 
_reflns.number_gt                                      ? 
_reflns.threshold_expression                           ? 
_reflns.pdbx_redundancy                                3.4 
_reflns.pdbx_Rmerge_I_obs                              0.034 
_reflns.pdbx_Rmerge_I_all                              ? 
_reflns.pdbx_Rsym_value                                ? 
_reflns.pdbx_netI_over_av_sigmaI                       ? 
_reflns.pdbx_netI_over_sigmaI                          35.66 
_reflns.pdbx_res_netI_over_av_sigmaI_2                 ? 
_reflns.pdbx_res_netI_over_sigmaI_2                    ? 
_reflns.pdbx_chi_squared                               ? 
_reflns.pdbx_scaling_rejects                           ? 
_reflns.pdbx_d_res_high_opt                            ? 
_reflns.pdbx_d_res_low_opt                             ? 
_reflns.pdbx_d_res_opt_method                          ? 
_reflns.phase_calculation_details                      ? 
_reflns.pdbx_Rrim_I_all                                0.044 
_reflns.pdbx_Rpim_I_all                                ? 
_reflns.pdbx_d_opt                                     ? 
_reflns.pdbx_number_measured_all                       ? 
_reflns.pdbx_diffrn_id                                 1 
_reflns.pdbx_ordinal                                   1 
_reflns.pdbx_CC_half                                   1.00 
_reflns.pdbx_CC_star                                   ? 
_reflns.pdbx_R_split                                   ? 
_reflns.pdbx_aniso_diffraction_limit_axis_1_ortho[1]   ? 
_reflns.pdbx_aniso_diffraction_limit_axis_1_ortho[2]   ? 
_reflns.pdbx_aniso_diffraction_limit_axis_1_ortho[3]   ? 
_reflns.pdbx_aniso_diffraction_limit_axis_2_ortho[1]   ? 
_reflns.pdbx_aniso_diffraction_limit_axis_2_ortho[2]   ? 
_reflns.pdbx_aniso_diffraction_limit_axis_2_ortho[3]   ? 
_reflns.pdbx_aniso_diffraction_limit_axis_3_ortho[1]   ? 
_reflns.pdbx_aniso_diffraction_limit_axis_3_ortho[2]   ? 
_reflns.pdbx_aniso_diffraction_limit_axis_3_ortho[3]   ? 
_reflns.pdbx_aniso_diffraction_limit_1                 ? 
_reflns.pdbx_aniso_diffraction_limit_2                 ? 
_reflns.pdbx_aniso_diffraction_limit_3                 ? 
_reflns.pdbx_aniso_B_tensor_eigenvector_1_ortho[1]     ? 
_reflns.pdbx_aniso_B_tensor_eigenvector_1_ortho[2]     ? 
_reflns.pdbx_aniso_B_tensor_eigenvector_1_ortho[3]     ? 
_reflns.pdbx_aniso_B_tensor_eigenvector_2_ortho[1]     ? 
_reflns.pdbx_aniso_B_tensor_eigenvector_2_ortho[2]     ? 
_reflns.pdbx_aniso_B_tensor_eigenvector_2_ortho[3]     ? 
_reflns.pdbx_aniso_B_tensor_eigenvector_3_ortho[1]     ? 
_reflns.pdbx_aniso_B_tensor_eigenvector_3_ortho[2]     ? 
_reflns.pdbx_aniso_B_tensor_eigenvector_3_ortho[3]     ? 
_reflns.pdbx_aniso_B_tensor_eigenvalue_1               ? 
_reflns.pdbx_aniso_B_tensor_eigenvalue_2               ? 
_reflns.pdbx_aniso_B_tensor_eigenvalue_3               ? 
_reflns.pdbx_orthogonalization_convention              ? 
_reflns.pdbx_percent_possible_ellipsoidal              ? 
_reflns.pdbx_percent_possible_spherical                ? 
_reflns.pdbx_percent_possible_ellipsoidal_anomalous    ? 
_reflns.pdbx_percent_possible_spherical_anomalous      ? 
_reflns.pdbx_redundancy_anomalous                      ? 
_reflns.pdbx_CC_half_anomalous                         ? 
_reflns.pdbx_absDiff_over_sigma_anomalous              ? 
_reflns.pdbx_percent_possible_anomalous                ? 
_reflns.pdbx_observed_signal_threshold                 ? 
_reflns.pdbx_signal_type                               ? 
_reflns.pdbx_signal_details                            ? 
_reflns.pdbx_signal_software_id                        ? 
# 
_reflns_shell.d_res_high                                    1.79 
_reflns_shell.d_res_low                                     1.85 
_reflns_shell.meanI_over_sigI_all                           ? 
_reflns_shell.meanI_over_sigI_obs                           3.12 
_reflns_shell.number_measured_all                           ? 
_reflns_shell.number_measured_obs                           ? 
_reflns_shell.number_possible                               ? 
_reflns_shell.number_unique_all                             ? 
_reflns_shell.number_unique_obs                             38 
_reflns_shell.percent_possible_all                          ? 
_reflns_shell.percent_possible_obs                          ? 
_reflns_shell.Rmerge_F_all                                  ? 
_reflns_shell.Rmerge_F_obs                                  ? 
_reflns_shell.Rmerge_I_all                                  ? 
_reflns_shell.Rmerge_I_obs                                  0.185 
_reflns_shell.meanI_over_sigI_gt                            ? 
_reflns_shell.meanI_over_uI_all                             ? 
_reflns_shell.meanI_over_uI_gt                              ? 
_reflns_shell.number_measured_gt                            ? 
_reflns_shell.number_unique_gt                              ? 
_reflns_shell.percent_possible_gt                           ? 
_reflns_shell.Rmerge_F_gt                                   ? 
_reflns_shell.Rmerge_I_gt                                   ? 
_reflns_shell.pdbx_redundancy                               ? 
_reflns_shell.pdbx_Rsym_value                               ? 
_reflns_shell.pdbx_chi_squared                              ? 
_reflns_shell.pdbx_netI_over_sigmaI_all                     ? 
_reflns_shell.pdbx_netI_over_sigmaI_obs                     ? 
_reflns_shell.pdbx_Rrim_I_all                               0.186 
_reflns_shell.pdbx_Rpim_I_all                               ? 
_reflns_shell.pdbx_rejects                                  ? 
_reflns_shell.pdbx_ordinal                                  1 
_reflns_shell.pdbx_diffrn_id                                1 
_reflns_shell.pdbx_CC_half                                  1.0 
_reflns_shell.pdbx_CC_star                                  ? 
_reflns_shell.pdbx_R_split                                  ? 
_reflns_shell.pdbx_percent_possible_ellipsoidal             ? 
_reflns_shell.pdbx_percent_possible_spherical               ? 
_reflns_shell.pdbx_percent_possible_ellipsoidal_anomalous   ? 
_reflns_shell.pdbx_percent_possible_spherical_anomalous     ? 
_reflns_shell.pdbx_redundancy_anomalous                     ? 
_reflns_shell.pdbx_CC_half_anomalous                        ? 
_reflns_shell.pdbx_absDiff_over_sigma_anomalous             ? 
_reflns_shell.pdbx_percent_possible_anomalous               ? 
# 
_refine.aniso_B[1][1]                            0.0100 
_refine.aniso_B[1][2]                            -0.0000 
_refine.aniso_B[1][3]                            -0.0100 
_refine.aniso_B[2][2]                            0.0500 
_refine.aniso_B[2][3]                            -0.0000 
_refine.aniso_B[3][3]                            -0.0500 
_refine.B_iso_max                                56.340 
_refine.B_iso_mean                               18.6440 
_refine.B_iso_min                                10.250 
_refine.correlation_coeff_Fo_to_Fc               0.9730 
_refine.correlation_coeff_Fo_to_Fc_free          0.9430 
_refine.details                                  
'HYDROGENS HAVE BEEN ADDED IN THE RIDING POSITIONS U VALUES      : REFINED INDIVIDUALLY' 
_refine.diff_density_max                         ? 
_refine.diff_density_max_esd                     ? 
_refine.diff_density_min                         ? 
_refine.diff_density_min_esd                     ? 
_refine.diff_density_rms                         ? 
_refine.diff_density_rms_esd                     ? 
_refine.entry_id                                 7SAP 
_refine.pdbx_refine_id                           'X-RAY DIFFRACTION' 
_refine.ls_abs_structure_details                 ? 
_refine.ls_abs_structure_Flack                   ? 
_refine.ls_abs_structure_Flack_esd               ? 
_refine.ls_abs_structure_Rogers                  ? 
_refine.ls_abs_structure_Rogers_esd              ? 
_refine.ls_d_res_high                            1.7900 
_refine.ls_d_res_low                             25.2500 
_refine.ls_extinction_coef                       ? 
_refine.ls_extinction_coef_esd                   ? 
_refine.ls_extinction_expression                 ? 
_refine.ls_extinction_method                     ? 
_refine.ls_goodness_of_fit_all                   ? 
_refine.ls_goodness_of_fit_all_esd               ? 
_refine.ls_goodness_of_fit_obs                   ? 
_refine.ls_goodness_of_fit_obs_esd               ? 
_refine.ls_hydrogen_treatment                    ? 
_refine.ls_matrix_type                           ? 
_refine.ls_number_constraints                    ? 
_refine.ls_number_parameters                     ? 
_refine.ls_number_reflns_all                     ? 
_refine.ls_number_reflns_obs                     2998 
_refine.ls_number_reflns_R_free                  167 
_refine.ls_number_reflns_R_work                  ? 
_refine.ls_number_restraints                     ? 
_refine.ls_percent_reflns_obs                    68.8600 
_refine.ls_percent_reflns_R_free                 5.3000 
_refine.ls_R_factor_all                          ? 
_refine.ls_R_factor_obs                          0.1309 
_refine.ls_R_factor_R_free                       0.1875 
_refine.ls_R_factor_R_free_error                 ? 
_refine.ls_R_factor_R_free_error_details         ? 
_refine.ls_R_factor_R_work                       0.1277 
_refine.ls_R_Fsqd_factor_obs                     ? 
_refine.ls_R_I_factor_obs                        ? 
_refine.ls_redundancy_reflns_all                 ? 
_refine.ls_redundancy_reflns_obs                 ? 
_refine.ls_restrained_S_all                      ? 
_refine.ls_restrained_S_obs                      ? 
_refine.ls_shift_over_esd_max                    ? 
_refine.ls_shift_over_esd_mean                   ? 
_refine.ls_structure_factor_coef                 ? 
_refine.ls_weighting_details                     ? 
_refine.ls_weighting_scheme                      ? 
_refine.ls_wR_factor_all                         ? 
_refine.ls_wR_factor_obs                         ? 
_refine.ls_wR_factor_R_free                      ? 
_refine.ls_wR_factor_R_work                      ? 
_refine.occupancy_max                            ? 
_refine.occupancy_min                            ? 
_refine.solvent_model_details                    MASK 
_refine.solvent_model_param_bsol                 ? 
_refine.solvent_model_param_ksol                 ? 
_refine.pdbx_R_complete                          ? 
_refine.ls_R_factor_gt                           ? 
_refine.ls_goodness_of_fit_gt                    ? 
_refine.ls_goodness_of_fit_ref                   ? 
_refine.ls_shift_over_su_max                     ? 
_refine.ls_shift_over_su_max_lt                  ? 
_refine.ls_shift_over_su_mean                    ? 
_refine.ls_shift_over_su_mean_lt                 ? 
_refine.pdbx_ls_sigma_I                          ? 
_refine.pdbx_ls_sigma_F                          0.000 
_refine.pdbx_ls_sigma_Fsqd                       ? 
_refine.pdbx_data_cutoff_high_absF               ? 
_refine.pdbx_data_cutoff_high_rms_absF           ? 
_refine.pdbx_data_cutoff_low_absF                ? 
_refine.pdbx_isotropic_thermal_model             ? 
_refine.pdbx_ls_cross_valid_method               THROUGHOUT 
_refine.pdbx_method_to_determine_struct          'MOLECULAR REPLACEMENT' 
_refine.pdbx_starting_model                      7SAO 
_refine.pdbx_stereochemistry_target_values       'MAXIMUM LIKELIHOOD' 
_refine.pdbx_R_Free_selection_details            RANDOM 
_refine.pdbx_stereochem_target_val_spec_case     ? 
_refine.pdbx_overall_ESU_R                       0.2290 
_refine.pdbx_overall_ESU_R_Free                  0.1680 
_refine.pdbx_solvent_vdw_probe_radii             1.2000 
_refine.pdbx_solvent_ion_probe_radii             0.8000 
_refine.pdbx_solvent_shrinkage_radii             0.8000 
_refine.pdbx_real_space_R                        ? 
_refine.pdbx_density_correlation                 ? 
_refine.pdbx_pd_number_of_powder_patterns        ? 
_refine.pdbx_pd_number_of_points                 ? 
_refine.pdbx_pd_meas_number_of_points            ? 
_refine.pdbx_pd_proc_ls_prof_R_factor            ? 
_refine.pdbx_pd_proc_ls_prof_wR_factor           ? 
_refine.pdbx_pd_Marquardt_correlation_coeff      ? 
_refine.pdbx_pd_Fsqrd_R_factor                   ? 
_refine.pdbx_pd_ls_matrix_band_width             ? 
_refine.pdbx_overall_phase_error                 ? 
_refine.pdbx_overall_SU_R_free_Cruickshank_DPI   ? 
_refine.pdbx_overall_SU_R_free_Blow_DPI          ? 
_refine.pdbx_overall_SU_R_Blow_DPI               ? 
_refine.pdbx_TLS_residual_ADP_flag               ? 
_refine.pdbx_diffrn_id                           1 
_refine.overall_SU_B                             2.8010 
_refine.overall_SU_ML                            0.0860 
_refine.overall_SU_R_Cruickshank_DPI             ? 
_refine.overall_SU_R_free                        ? 
_refine.overall_FOM_free_R_set                   ? 
_refine.overall_FOM_work_R_set                   ? 
_refine.pdbx_average_fsc_overall                 ? 
_refine.pdbx_average_fsc_work                    ? 
_refine.pdbx_average_fsc_free                    ? 
# 
_refine_hist.pdbx_refine_id                   'X-RAY DIFFRACTION' 
_refine_hist.cycle_id                         final 
_refine_hist.details                          ? 
_refine_hist.d_res_high                       1.7900 
_refine_hist.d_res_low                        25.2500 
_refine_hist.number_atoms_solvent             62 
_refine_hist.number_atoms_total               569 
_refine_hist.number_reflns_all                ? 
_refine_hist.number_reflns_obs                ? 
_refine_hist.number_reflns_R_free             ? 
_refine_hist.number_reflns_R_work             ? 
_refine_hist.R_factor_all                     ? 
_refine_hist.R_factor_obs                     ? 
_refine_hist.R_factor_R_free                  ? 
_refine_hist.R_factor_R_work                  ? 
_refine_hist.pdbx_number_residues_total       66 
_refine_hist.pdbx_B_iso_mean_ligand           38.32 
_refine_hist.pdbx_B_iso_mean_solvent          29.06 
_refine_hist.pdbx_number_atoms_protein        486 
_refine_hist.pdbx_number_atoms_nucleic_acid   0 
_refine_hist.pdbx_number_atoms_ligand         21 
_refine_hist.pdbx_number_atoms_lipid          ? 
_refine_hist.pdbx_number_atoms_carb           ? 
_refine_hist.pdbx_pseudo_atom_details         ? 
# 
loop_
_refine_ls_restr.pdbx_refine_id 
_refine_ls_restr.criterion 
_refine_ls_restr.dev_ideal 
_refine_ls_restr.dev_ideal_target 
_refine_ls_restr.number 
_refine_ls_restr.rejects 
_refine_ls_restr.type 
_refine_ls_restr.weight 
_refine_ls_restr.pdbx_restraint_function 
'X-RAY DIFFRACTION' ? 0.008  0.013  508  ? r_bond_refined_d       ? ? 
'X-RAY DIFFRACTION' ? 0.001  0.011  458  ? r_bond_other_d         ? ? 
'X-RAY DIFFRACTION' ? 1.631  1.691  687  ? r_angle_refined_deg    ? ? 
'X-RAY DIFFRACTION' ? 1.414  1.608  1048 ? r_angle_other_deg      ? ? 
'X-RAY DIFFRACTION' ? 8.117  5.000  66   ? r_dihedral_angle_1_deg ? ? 
'X-RAY DIFFRACTION' ? 27.231 18.667 30   ? r_dihedral_angle_2_deg ? ? 
'X-RAY DIFFRACTION' ? 12.163 15.000 77   ? r_dihedral_angle_3_deg ? ? 
'X-RAY DIFFRACTION' ? 16.348 15.000 8    ? r_dihedral_angle_4_deg ? ? 
'X-RAY DIFFRACTION' ? 0.076  0.200  74   ? r_chiral_restr         ? ? 
'X-RAY DIFFRACTION' ? 0.006  0.020  591  ? r_gen_planes_refined   ? ? 
'X-RAY DIFFRACTION' ? 0.001  0.020  129  ? r_gen_planes_other     ? ? 
# 
_refine_ls_shell.pdbx_refine_id                   'X-RAY DIFFRACTION' 
_refine_ls_shell.d_res_high                       1.79 
_refine_ls_shell.d_res_low                        1.8340 
_refine_ls_shell.number_reflns_all                ? 
_refine_ls_shell.number_reflns_obs                ? 
_refine_ls_shell.number_reflns_R_free             ? 
_refine_ls_shell.number_reflns_R_work             25 
_refine_ls_shell.percent_reflns_obs               7.5800 
_refine_ls_shell.percent_reflns_R_free            ? 
_refine_ls_shell.R_factor_all                     ? 
_refine_ls_shell.R_factor_obs                     ? 
_refine_ls_shell.R_factor_R_free                  ? 
_refine_ls_shell.R_factor_R_free_error            0.0000 
_refine_ls_shell.R_factor_R_work                  0.1410 
_refine_ls_shell.redundancy_reflns_all            ? 
_refine_ls_shell.redundancy_reflns_obs            ? 
_refine_ls_shell.wR_factor_all                    ? 
_refine_ls_shell.wR_factor_obs                    ? 
_refine_ls_shell.wR_factor_R_free                 ? 
_refine_ls_shell.wR_factor_R_work                 ? 
_refine_ls_shell.pdbx_R_complete                  ? 
_refine_ls_shell.pdbx_total_number_of_bins_used   ? 
_refine_ls_shell.pdbx_phase_error                 ? 
_refine_ls_shell.pdbx_fsc_work                    ? 
_refine_ls_shell.pdbx_fsc_free                    ? 
# 
_struct.entry_id                     7SAP 
_struct.title                        'The CTI-homolog pacifastin' 
_struct.pdbx_model_details           ? 
_struct.pdbx_formula_weight          ? 
_struct.pdbx_formula_weight_method   ? 
_struct.pdbx_model_type_details      ? 
_struct.pdbx_CASP_flag               N 
# 
_struct_keywords.entry_id        7SAP 
_struct_keywords.text            'CTI-homolog, pacifastin, CDP, cystine-dense peptides, TOXIN' 
_struct_keywords.pdbx_keywords   TOXIN 
# 
loop_
_struct_asym.id 
_struct_asym.pdbx_blank_PDB_chainid_flag 
_struct_asym.pdbx_modified 
_struct_asym.entity_id 
_struct_asym.details 
A N N 1 ? 
B N N 1 ? 
C N N 2 ? 
D N N 2 ? 
E N N 3 ? 
F N N 3 ? 
# 
_struct_ref.id                         1 
_struct_ref.db_name                    PDB 
_struct_ref.db_code                    7SAP 
_struct_ref.pdbx_db_accession          7SAP 
_struct_ref.pdbx_db_isoform            ? 
_struct_ref.entity_id                  1 
_struct_ref.pdbx_seq_one_letter_code   ? 
_struct_ref.pdbx_align_begin           1 
# 
loop_
_struct_ref_seq.align_id 
_struct_ref_seq.ref_id 
_struct_ref_seq.pdbx_PDB_id_code 
_struct_ref_seq.pdbx_strand_id 
_struct_ref_seq.seq_align_beg 
_struct_ref_seq.pdbx_seq_align_beg_ins_code 
_struct_ref_seq.seq_align_end 
_struct_ref_seq.pdbx_seq_align_end_ins_code 
_struct_ref_seq.pdbx_db_accession 
_struct_ref_seq.db_align_beg 
_struct_ref_seq.pdbx_db_align_beg_ins_code 
_struct_ref_seq.db_align_end 
_struct_ref_seq.pdbx_db_align_end_ins_code 
_struct_ref_seq.pdbx_auth_seq_align_beg 
_struct_ref_seq.pdbx_auth_seq_align_end 
1 1 7SAP A 1 ? 34 ? 7SAP -1 ? 32 ? -1 32 
2 1 7SAP B 1 ? 34 ? 7SAP -1 ? 32 ? -1 32 
# 
loop_
_pdbx_struct_assembly.id 
_pdbx_struct_assembly.details 
_pdbx_struct_assembly.method_details 
_pdbx_struct_assembly.oligomeric_details 
_pdbx_struct_assembly.oligomeric_count 
1 author_defined_assembly ? monomeric 1 
2 author_defined_assembly ? monomeric 1 
# 
loop_
_pdbx_struct_assembly_gen.assembly_id 
_pdbx_struct_assembly_gen.oper_expression 
_pdbx_struct_assembly_gen.asym_id_list 
1 1 A,C,E 
2 1 B,D,F 
# 
_pdbx_struct_assembly_auth_evidence.id                     1 
_pdbx_struct_assembly_auth_evidence.assembly_id            1 
_pdbx_struct_assembly_auth_evidence.experimental_support   homology 
_pdbx_struct_assembly_auth_evidence.details                ? 
# 
_pdbx_struct_oper_list.id                   1 
_pdbx_struct_oper_list.type                 'identity operation' 
_pdbx_struct_oper_list.name                 1_555 
_pdbx_struct_oper_list.symmetry_operation   x,y,z 
_pdbx_struct_oper_list.matrix[1][1]         1.0000000000 
_pdbx_struct_oper_list.matrix[1][2]         0.0000000000 
_pdbx_struct_oper_list.matrix[1][3]         0.0000000000 
_pdbx_struct_oper_list.vector[1]            0.0000000000 
_pdbx_struct_oper_list.matrix[2][1]         0.0000000000 
_pdbx_struct_oper_list.matrix[2][2]         1.0000000000 
_pdbx_struct_oper_list.matrix[2][3]         0.0000000000 
_pdbx_struct_oper_list.vector[2]            0.0000000000 
_pdbx_struct_oper_list.matrix[3][1]         0.0000000000 
_pdbx_struct_oper_list.matrix[3][2]         0.0000000000 
_pdbx_struct_oper_list.matrix[3][3]         1.0000000000 
_pdbx_struct_oper_list.vector[3]            0.0000000000 
# 
loop_
_struct_conn.id 
_struct_conn.conn_type_id 
_struct_conn.pdbx_leaving_atom_flag 
_struct_conn.pdbx_PDB_id 
_struct_conn.ptnr1_label_asym_id 
_struct_conn.ptnr1_label_comp_id 
_struct_conn.ptnr1_label_seq_id 
_struct_conn.ptnr1_label_atom_id 
_struct_conn.pdbx_ptnr1_label_alt_id 
_struct_conn.pdbx_ptnr1_PDB_ins_code 
_struct_conn.pdbx_ptnr1_standard_comp_id 
_struct_conn.ptnr1_symmetry 
_struct_conn.ptnr2_label_asym_id 
_struct_conn.ptnr2_label_comp_id 
_struct_conn.ptnr2_label_seq_id 
_struct_conn.ptnr2_label_atom_id 
_struct_conn.pdbx_ptnr2_label_alt_id 
_struct_conn.pdbx_ptnr2_PDB_ins_code 
_struct_conn.ptnr1_auth_asym_id 
_struct_conn.ptnr1_auth_comp_id 
_struct_conn.ptnr1_auth_seq_id 
_struct_conn.ptnr2_auth_asym_id 
_struct_conn.ptnr2_auth_comp_id 
_struct_conn.ptnr2_auth_seq_id 
_struct_conn.ptnr2_symmetry 
_struct_conn.pdbx_ptnr3_label_atom_id 
_struct_conn.pdbx_ptnr3_label_seq_id 
_struct_conn.pdbx_ptnr3_label_comp_id 
_struct_conn.pdbx_ptnr3_label_asym_id 
_struct_conn.pdbx_ptnr3_label_alt_id 
_struct_conn.pdbx_ptnr3_PDB_ins_code 
_struct_conn.details 
_struct_conn.pdbx_dist_value 
_struct_conn.pdbx_value_order 
_struct_conn.pdbx_role 
disulf1 disulf ? ? A CYS 4  SG ? ? ? 1_555 A CYS 19 SG ? ? A CYS 2  A CYS 17 1_555 ? ? ? ? ? ? ? 2.043 ? ? 
disulf2 disulf ? ? A CYS 14 SG ? ? ? 1_555 A CYS 33 SG ? ? A CYS 12 A CYS 31 1_555 ? ? ? ? ? ? ? 2.021 ? ? 
disulf3 disulf ? ? A CYS 17 SG ? ? ? 1_555 A CYS 28 SG ? ? A CYS 15 A CYS 26 1_555 ? ? ? ? ? ? ? 2.024 ? ? 
disulf4 disulf ? ? B CYS 4  SG ? ? ? 1_555 B CYS 19 SG ? ? B CYS 2  B CYS 17 1_555 ? ? ? ? ? ? ? 2.049 ? ? 
disulf5 disulf ? ? B CYS 14 SG ? ? ? 1_555 B CYS 33 SG ? ? B CYS 12 B CYS 31 1_555 ? ? ? ? ? ? ? 2.011 ? ? 
disulf6 disulf ? ? B CYS 17 SG ? ? ? 1_555 B CYS 28 SG ? ? B CYS 15 B CYS 26 1_555 ? ? ? ? ? ? ? 2.006 ? ? 
# 
_struct_conn_type.id          disulf 
_struct_conn_type.criteria    ? 
_struct_conn_type.reference   ? 
# 
loop_
_pdbx_modification_feature.ordinal 
_pdbx_modification_feature.label_comp_id 
_pdbx_modification_feature.label_asym_id 
_pdbx_modification_feature.label_seq_id 
_pdbx_modification_feature.label_alt_id 
_pdbx_modification_feature.modified_residue_label_comp_id 
_pdbx_modification_feature.modified_residue_label_asym_id 
_pdbx_modification_feature.modified_residue_label_seq_id 
_pdbx_modification_feature.modified_residue_label_alt_id 
_pdbx_modification_feature.auth_comp_id 
_pdbx_modification_feature.auth_asym_id 
_pdbx_modification_feature.auth_seq_id 
_pdbx_modification_feature.PDB_ins_code 
_pdbx_modification_feature.symmetry 
_pdbx_modification_feature.modified_residue_auth_comp_id 
_pdbx_modification_feature.modified_residue_auth_asym_id 
_pdbx_modification_feature.modified_residue_auth_seq_id 
_pdbx_modification_feature.modified_residue_PDB_ins_code 
_pdbx_modification_feature.modified_residue_symmetry 
_pdbx_modification_feature.comp_id_linking_atom 
_pdbx_modification_feature.modified_residue_id_linking_atom 
_pdbx_modification_feature.modified_residue_id 
_pdbx_modification_feature.ref_pcm_id 
_pdbx_modification_feature.ref_comp_id 
_pdbx_modification_feature.type 
_pdbx_modification_feature.category 
1 CYS A 4  ? CYS A 19 ? CYS A 2  ? 1_555 CYS A 17 ? 1_555 SG SG . . . None 'Disulfide bridge' 
2 CYS A 14 ? CYS A 33 ? CYS A 12 ? 1_555 CYS A 31 ? 1_555 SG SG . . . None 'Disulfide bridge' 
3 CYS A 17 ? CYS A 28 ? CYS A 15 ? 1_555 CYS A 26 ? 1_555 SG SG . . . None 'Disulfide bridge' 
4 CYS B 4  ? CYS B 19 ? CYS B 2  ? 1_555 CYS B 17 ? 1_555 SG SG . . . None 'Disulfide bridge' 
5 CYS B 14 ? CYS B 33 ? CYS B 12 ? 1_555 CYS B 31 ? 1_555 SG SG . . . None 'Disulfide bridge' 
6 CYS B 17 ? CYS B 28 ? CYS B 15 ? 1_555 CYS B 26 ? 1_555 SG SG . . . None 'Disulfide bridge' 
# 
loop_
_struct_sheet.id 
_struct_sheet.type 
_struct_sheet.number_strands 
_struct_sheet.details 
AA1 ? 3 ? 
AA2 ? 3 ? 
# 
loop_
_struct_sheet_order.sheet_id 
_struct_sheet_order.range_id_1 
_struct_sheet_order.range_id_2 
_struct_sheet_order.offset 
_struct_sheet_order.sense 
AA1 1 2 ? anti-parallel 
AA1 2 3 ? anti-parallel 
AA2 1 2 ? anti-parallel 
AA2 2 3 ? anti-parallel 
# 
loop_
_struct_sheet_range.sheet_id 
_struct_sheet_range.id 
_struct_sheet_range.beg_label_comp_id 
_struct_sheet_range.beg_label_asym_id 
_struct_sheet_range.beg_label_seq_id 
_struct_sheet_range.pdbx_beg_PDB_ins_code 
_struct_sheet_range.end_label_comp_id 
_struct_sheet_range.end_label_asym_id 
_struct_sheet_range.end_label_seq_id 
_struct_sheet_range.pdbx_end_PDB_ins_code 
_struct_sheet_range.beg_auth_comp_id 
_struct_sheet_range.beg_auth_asym_id 
_struct_sheet_range.beg_auth_seq_id 
_struct_sheet_range.end_auth_comp_id 
_struct_sheet_range.end_auth_asym_id 
_struct_sheet_range.end_auth_seq_id 
AA1 1 THR A 9  ? ARG A 12 ? THR A 7  ARG A 10 
AA1 2 ASN A 15 ? CYS A 19 ? ASN A 13 CYS A 17 
AA1 3 ALA A 26 ? CYS A 28 ? ALA A 24 CYS A 26 
AA2 1 THR B 9  ? ARG B 12 ? THR B 7  ARG B 10 
AA2 2 ASN B 15 ? CYS B 19 ? ASN B 13 CYS B 17 
AA2 3 ALA B 26 ? CYS B 28 ? ALA B 24 CYS B 26 
# 
loop_
_pdbx_struct_sheet_hbond.sheet_id 
_pdbx_struct_sheet_hbond.range_id_1 
_pdbx_struct_sheet_hbond.range_id_2 
_pdbx_struct_sheet_hbond.range_1_label_atom_id 
_pdbx_struct_sheet_hbond.range_1_label_comp_id 
_pdbx_struct_sheet_hbond.range_1_label_asym_id 
_pdbx_struct_sheet_hbond.range_1_label_seq_id 
_pdbx_struct_sheet_hbond.range_1_PDB_ins_code 
_pdbx_struct_sheet_hbond.range_1_auth_atom_id 
_pdbx_struct_sheet_hbond.range_1_auth_comp_id 
_pdbx_struct_sheet_hbond.range_1_auth_asym_id 
_pdbx_struct_sheet_hbond.range_1_auth_seq_id 
_pdbx_struct_sheet_hbond.range_2_label_atom_id 
_pdbx_struct_sheet_hbond.range_2_label_comp_id 
_pdbx_struct_sheet_hbond.range_2_label_asym_id 
_pdbx_struct_sheet_hbond.range_2_label_seq_id 
_pdbx_struct_sheet_hbond.range_2_PDB_ins_code 
_pdbx_struct_sheet_hbond.range_2_auth_atom_id 
_pdbx_struct_sheet_hbond.range_2_auth_comp_id 
_pdbx_struct_sheet_hbond.range_2_auth_asym_id 
_pdbx_struct_sheet_hbond.range_2_auth_seq_id 
AA1 1 2 N PHE A 10 ? N PHE A 8  O CYS A 17 ? O CYS A 15 
AA1 2 3 N VAL A 18 ? N VAL A 16 O ALA A 27 ? O ALA A 25 
AA2 1 2 N ARG B 12 ? N ARG B 10 O ASN B 15 ? O ASN B 13 
AA2 2 3 N VAL B 18 ? N VAL B 16 O ALA B 27 ? O ALA B 25 
# 
_pdbx_entry_details.entry_id                   7SAP 
_pdbx_entry_details.has_ligand_of_interest     Y 
_pdbx_entry_details.compound_details           ? 
_pdbx_entry_details.source_details             ? 
_pdbx_entry_details.nonpolymer_details         ? 
_pdbx_entry_details.sequence_details           ? 
_pdbx_entry_details.has_protein_modification   Y 
# 
_pdbx_validate_symm_contact.id                1 
_pdbx_validate_symm_contact.PDB_model_num     1 
_pdbx_validate_symm_contact.auth_atom_id_1    O 
_pdbx_validate_symm_contact.auth_asym_id_1    A 
_pdbx_validate_symm_contact.auth_comp_id_1    HOH 
_pdbx_validate_symm_contact.auth_seq_id_1     232 
_pdbx_validate_symm_contact.PDB_ins_code_1    ? 
_pdbx_validate_symm_contact.label_alt_id_1    ? 
_pdbx_validate_symm_contact.site_symmetry_1   1_555 
_pdbx_validate_symm_contact.auth_atom_id_2    O 
_pdbx_validate_symm_contact.auth_asym_id_2    B 
_pdbx_validate_symm_contact.auth_comp_id_2    HOH 
_pdbx_validate_symm_contact.auth_seq_id_2     227 
_pdbx_validate_symm_contact.PDB_ins_code_2    ? 
_pdbx_validate_symm_contact.label_alt_id_2    ? 
_pdbx_validate_symm_contact.site_symmetry_2   2_555 
_pdbx_validate_symm_contact.dist              2.11 
# 
loop_
_pdbx_validate_torsion.id 
_pdbx_validate_torsion.PDB_model_num 
_pdbx_validate_torsion.auth_comp_id 
_pdbx_validate_torsion.auth_asym_id 
_pdbx_validate_torsion.auth_seq_id 
_pdbx_validate_torsion.PDB_ins_code 
_pdbx_validate_torsion.label_alt_id 
_pdbx_validate_torsion.phi 
_pdbx_validate_torsion.psi 
1 1 ASP A 11 ? ? 61.75 -123.65 
2 1 ASP B 11 ? ? 59.49 -115.76 
# 
_pdbx_validate_polymer_linkage.id               1 
_pdbx_validate_polymer_linkage.PDB_model_num    1 
_pdbx_validate_polymer_linkage.auth_atom_id_1   C 
_pdbx_validate_polymer_linkage.auth_asym_id_1   A 
_pdbx_validate_polymer_linkage.auth_comp_id_1   CYS 
_pdbx_validate_polymer_linkage.auth_seq_id_1    31 
_pdbx_validate_polymer_linkage.PDB_ins_code_1   ? 
_pdbx_validate_polymer_linkage.label_alt_id_1   ? 
_pdbx_validate_polymer_linkage.auth_atom_id_2   N 
_pdbx_validate_polymer_linkage.auth_asym_id_2   A 
_pdbx_validate_polymer_linkage.auth_comp_id_2   LEU 
_pdbx_validate_polymer_linkage.auth_seq_id_2    32 
_pdbx_validate_polymer_linkage.PDB_ins_code_2   ? 
_pdbx_validate_polymer_linkage.label_alt_id_2   ? 
_pdbx_validate_polymer_linkage.dist             1.69 
# 
_pdbx_unobs_or_zero_occ_residues.id               1 
_pdbx_unobs_or_zero_occ_residues.PDB_model_num    1 
_pdbx_unobs_or_zero_occ_residues.polymer_flag     Y 
_pdbx_unobs_or_zero_occ_residues.occupancy_flag   1 
_pdbx_unobs_or_zero_occ_residues.auth_asym_id     A 
_pdbx_unobs_or_zero_occ_residues.auth_comp_id     GLY 
_pdbx_unobs_or_zero_occ_residues.auth_seq_id      -1 
_pdbx_unobs_or_zero_occ_residues.PDB_ins_code     ? 
_pdbx_unobs_or_zero_occ_residues.label_asym_id    A 
_pdbx_unobs_or_zero_occ_residues.label_comp_id    GLY 
_pdbx_unobs_or_zero_occ_residues.label_seq_id     1 
# 
loop_
_chem_comp_atom.comp_id 
_chem_comp_atom.atom_id 
_chem_comp_atom.type_symbol 
_chem_comp_atom.pdbx_aromatic_flag 
_chem_comp_atom.pdbx_stereo_config 
_chem_comp_atom.pdbx_ordinal 
ALA N    N N N 1   
ALA CA   C N S 2   
ALA C    C N N 3   
ALA O    O N N 4   
ALA CB   C N N 5   
ALA OXT  O N N 6   
ALA H    H N N 7   
ALA H2   H N N 8   
ALA HA   H N N 9   
ALA HB1  H N N 10  
ALA HB2  H N N 11  
ALA HB3  H N N 12  
ALA HXT  H N N 13  
ARG N    N N N 14  
ARG CA   C N S 15  
ARG C    C N N 16  
ARG O    O N N 17  
ARG CB   C N N 18  
ARG CG   C N N 19  
ARG CD   C N N 20  
ARG NE   N N N 21  
ARG CZ   C N N 22  
ARG NH1  N N N 23  
ARG NH2  N N N 24  
ARG OXT  O N N 25  
ARG H    H N N 26  
ARG H2   H N N 27  
ARG HA   H N N 28  
ARG HB2  H N N 29  
ARG HB3  H N N 30  
ARG HG2  H N N 31  
ARG HG3  H N N 32  
ARG HD2  H N N 33  
ARG HD3  H N N 34  
ARG HE   H N N 35  
ARG HH11 H N N 36  
ARG HH12 H N N 37  
ARG HH21 H N N 38  
ARG HH22 H N N 39  
ARG HXT  H N N 40  
ASN N    N N N 41  
ASN CA   C N S 42  
ASN C    C N N 43  
ASN O    O N N 44  
ASN CB   C N N 45  
ASN CG   C N N 46  
ASN OD1  O N N 47  
ASN ND2  N N N 48  
ASN OXT  O N N 49  
ASN H    H N N 50  
ASN H2   H N N 51  
ASN HA   H N N 52  
ASN HB2  H N N 53  
ASN HB3  H N N 54  
ASN HD21 H N N 55  
ASN HD22 H N N 56  
ASN HXT  H N N 57  
ASP N    N N N 58  
ASP CA   C N S 59  
ASP C    C N N 60  
ASP O    O N N 61  
ASP CB   C N N 62  
ASP CG   C N N 63  
ASP OD1  O N N 64  
ASP OD2  O N N 65  
ASP OXT  O N N 66  
ASP H    H N N 67  
ASP H2   H N N 68  
ASP HA   H N N 69  
ASP HB2  H N N 70  
ASP HB3  H N N 71  
ASP HD2  H N N 72  
ASP HXT  H N N 73  
CYS N    N N N 74  
CYS CA   C N R 75  
CYS C    C N N 76  
CYS O    O N N 77  
CYS CB   C N N 78  
CYS SG   S N N 79  
CYS OXT  O N N 80  
CYS H    H N N 81  
CYS H2   H N N 82  
CYS HA   H N N 83  
CYS HB2  H N N 84  
CYS HB3  H N N 85  
CYS HG   H N N 86  
CYS HXT  H N N 87  
GLN N    N N N 88  
GLN CA   C N S 89  
GLN C    C N N 90  
GLN O    O N N 91  
GLN CB   C N N 92  
GLN CG   C N N 93  
GLN CD   C N N 94  
GLN OE1  O N N 95  
GLN NE2  N N N 96  
GLN OXT  O N N 97  
GLN H    H N N 98  
GLN H2   H N N 99  
GLN HA   H N N 100 
GLN HB2  H N N 101 
GLN HB3  H N N 102 
GLN HG2  H N N 103 
GLN HG3  H N N 104 
GLN HE21 H N N 105 
GLN HE22 H N N 106 
GLN HXT  H N N 107 
GLY N    N N N 108 
GLY CA   C N N 109 
GLY C    C N N 110 
GLY O    O N N 111 
GLY OXT  O N N 112 
GLY H    H N N 113 
GLY H2   H N N 114 
GLY HA2  H N N 115 
GLY HA3  H N N 116 
GLY HXT  H N N 117 
GOL C1   C N N 118 
GOL O1   O N N 119 
GOL C2   C N N 120 
GOL O2   O N N 121 
GOL C3   C N N 122 
GOL O3   O N N 123 
GOL H11  H N N 124 
GOL H12  H N N 125 
GOL HO1  H N N 126 
GOL H2   H N N 127 
GOL HO2  H N N 128 
GOL H31  H N N 129 
GOL H32  H N N 130 
GOL HO3  H N N 131 
HOH O    O N N 132 
HOH H1   H N N 133 
HOH H2   H N N 134 
LEU N    N N N 135 
LEU CA   C N S 136 
LEU C    C N N 137 
LEU O    O N N 138 
LEU CB   C N N 139 
LEU CG   C N N 140 
LEU CD1  C N N 141 
LEU CD2  C N N 142 
LEU OXT  O N N 143 
LEU H    H N N 144 
LEU H2   H N N 145 
LEU HA   H N N 146 
LEU HB2  H N N 147 
LEU HB3  H N N 148 
LEU HG   H N N 149 
LEU HD11 H N N 150 
LEU HD12 H N N 151 
LEU HD13 H N N 152 
LEU HD21 H N N 153 
LEU HD22 H N N 154 
LEU HD23 H N N 155 
LEU HXT  H N N 156 
PHE N    N N N 157 
PHE CA   C N S 158 
PHE C    C N N 159 
PHE O    O N N 160 
PHE CB   C N N 161 
PHE CG   C Y N 162 
PHE CD1  C Y N 163 
PHE CD2  C Y N 164 
PHE CE1  C Y N 165 
PHE CE2  C Y N 166 
PHE CZ   C Y N 167 
PHE OXT  O N N 168 
PHE H    H N N 169 
PHE H2   H N N 170 
PHE HA   H N N 171 
PHE HB2  H N N 172 
PHE HB3  H N N 173 
PHE HD1  H N N 174 
PHE HD2  H N N 175 
PHE HE1  H N N 176 
PHE HE2  H N N 177 
PHE HZ   H N N 178 
PHE HXT  H N N 179 
PRO N    N N N 180 
PRO CA   C N S 181 
PRO C    C N N 182 
PRO O    O N N 183 
PRO CB   C N N 184 
PRO CG   C N N 185 
PRO CD   C N N 186 
PRO OXT  O N N 187 
PRO H    H N N 188 
PRO HA   H N N 189 
PRO HB2  H N N 190 
PRO HB3  H N N 191 
PRO HG2  H N N 192 
PRO HG3  H N N 193 
PRO HD2  H N N 194 
PRO HD3  H N N 195 
PRO HXT  H N N 196 
SER N    N N N 197 
SER CA   C N S 198 
SER C    C N N 199 
SER O    O N N 200 
SER CB   C N N 201 
SER OG   O N N 202 
SER OXT  O N N 203 
SER H    H N N 204 
SER H2   H N N 205 
SER HA   H N N 206 
SER HB2  H N N 207 
SER HB3  H N N 208 
SER HG   H N N 209 
SER HXT  H N N 210 
THR N    N N N 211 
THR CA   C N S 212 
THR C    C N N 213 
THR O    O N N 214 
THR CB   C N R 215 
THR OG1  O N N 216 
THR CG2  C N N 217 
THR OXT  O N N 218 
THR H    H N N 219 
THR H2   H N N 220 
THR HA   H N N 221 
THR HB   H N N 222 
THR HG1  H N N 223 
THR HG21 H N N 224 
THR HG22 H N N 225 
THR HG23 H N N 226 
THR HXT  H N N 227 
VAL N    N N N 228 
VAL CA   C N S 229 
VAL C    C N N 230 
VAL O    O N N 231 
VAL CB   C N N 232 
VAL CG1  C N N 233 
VAL CG2  C N N 234 
VAL OXT  O N N 235 
VAL H    H N N 236 
VAL H2   H N N 237 
VAL HA   H N N 238 
VAL HB   H N N 239 
VAL HG11 H N N 240 
VAL HG12 H N N 241 
VAL HG13 H N N 242 
VAL HG21 H N N 243 
VAL HG22 H N N 244 
VAL HG23 H N N 245 
VAL HXT  H N N 246 
# 
loop_
_chem_comp_bond.comp_id 
_chem_comp_bond.atom_id_1 
_chem_comp_bond.atom_id_2 
_chem_comp_bond.value_order 
_chem_comp_bond.pdbx_aromatic_flag 
_chem_comp_bond.pdbx_stereo_config 
_chem_comp_bond.pdbx_ordinal 
ALA N   CA   sing N N 1   
ALA N   H    sing N N 2   
ALA N   H2   sing N N 3   
ALA CA  C    sing N N 4   
ALA CA  CB   sing N N 5   
ALA CA  HA   sing N N 6   
ALA C   O    doub N N 7   
ALA C   OXT  sing N N 8   
ALA CB  HB1  sing N N 9   
ALA CB  HB2  sing N N 10  
ALA CB  HB3  sing N N 11  
ALA OXT HXT  sing N N 12  
ARG N   CA   sing N N 13  
ARG N   H    sing N N 14  
ARG N   H2   sing N N 15  
ARG CA  C    sing N N 16  
ARG CA  CB   sing N N 17  
ARG CA  HA   sing N N 18  
ARG C   O    doub N N 19  
ARG C   OXT  sing N N 20  
ARG CB  CG   sing N N 21  
ARG CB  HB2  sing N N 22  
ARG CB  HB3  sing N N 23  
ARG CG  CD   sing N N 24  
ARG CG  HG2  sing N N 25  
ARG CG  HG3  sing N N 26  
ARG CD  NE   sing N N 27  
ARG CD  HD2  sing N N 28  
ARG CD  HD3  sing N N 29  
ARG NE  CZ   sing N N 30  
ARG NE  HE   sing N N 31  
ARG CZ  NH1  sing N N 32  
ARG CZ  NH2  doub N N 33  
ARG NH1 HH11 sing N N 34  
ARG NH1 HH12 sing N N 35  
ARG NH2 HH21 sing N N 36  
ARG NH2 HH22 sing N N 37  
ARG OXT HXT  sing N N 38  
ASN N   CA   sing N N 39  
ASN N   H    sing N N 40  
ASN N   H2   sing N N 41  
ASN CA  C    sing N N 42  
ASN CA  CB   sing N N 43  
ASN CA  HA   sing N N 44  
ASN C   O    doub N N 45  
ASN C   OXT  sing N N 46  
ASN CB  CG   sing N N 47  
ASN CB  HB2  sing N N 48  
ASN CB  HB3  sing N N 49  
ASN CG  OD1  doub N N 50  
ASN CG  ND2  sing N N 51  
ASN ND2 HD21 sing N N 52  
ASN ND2 HD22 sing N N 53  
ASN OXT HXT  sing N N 54  
ASP N   CA   sing N N 55  
ASP N   H    sing N N 56  
ASP N   H2   sing N N 57  
ASP CA  C    sing N N 58  
ASP CA  CB   sing N N 59  
ASP CA  HA   sing N N 60  
ASP C   O    doub N N 61  
ASP C   OXT  sing N N 62  
ASP CB  CG   sing N N 63  
ASP CB  HB2  sing N N 64  
ASP CB  HB3  sing N N 65  
ASP CG  OD1  doub N N 66  
ASP CG  OD2  sing N N 67  
ASP OD2 HD2  sing N N 68  
ASP OXT HXT  sing N N 69  
CYS N   CA   sing N N 70  
CYS N   H    sing N N 71  
CYS N   H2   sing N N 72  
CYS CA  C    sing N N 73  
CYS CA  CB   sing N N 74  
CYS CA  HA   sing N N 75  
CYS C   O    doub N N 76  
CYS C   OXT  sing N N 77  
CYS CB  SG   sing N N 78  
CYS CB  HB2  sing N N 79  
CYS CB  HB3  sing N N 80  
CYS SG  HG   sing N N 81  
CYS OXT HXT  sing N N 82  
GLN N   CA   sing N N 83  
GLN N   H    sing N N 84  
GLN N   H2   sing N N 85  
GLN CA  C    sing N N 86  
GLN CA  CB   sing N N 87  
GLN CA  HA   sing N N 88  
GLN C   O    doub N N 89  
GLN C   OXT  sing N N 90  
GLN CB  CG   sing N N 91  
GLN CB  HB2  sing N N 92  
GLN CB  HB3  sing N N 93  
GLN CG  CD   sing N N 94  
GLN CG  HG2  sing N N 95  
GLN CG  HG3  sing N N 96  
GLN CD  OE1  doub N N 97  
GLN CD  NE2  sing N N 98  
GLN NE2 HE21 sing N N 99  
GLN NE2 HE22 sing N N 100 
GLN OXT HXT  sing N N 101 
GLY N   CA   sing N N 102 
GLY N   H    sing N N 103 
GLY N   H2   sing N N 104 
GLY CA  C    sing N N 105 
GLY CA  HA2  sing N N 106 
GLY CA  HA3  sing N N 107 
GLY C   O    doub N N 108 
GLY C   OXT  sing N N 109 
GLY OXT HXT  sing N N 110 
GOL C1  O1   sing N N 111 
GOL C1  C2   sing N N 112 
GOL C1  H11  sing N N 113 
GOL C1  H12  sing N N 114 
GOL O1  HO1  sing N N 115 
GOL C2  O2   sing N N 116 
GOL C2  C3   sing N N 117 
GOL C2  H2   sing N N 118 
GOL O2  HO2  sing N N 119 
GOL C3  O3   sing N N 120 
GOL C3  H31  sing N N 121 
GOL C3  H32  sing N N 122 
GOL O3  HO3  sing N N 123 
HOH O   H1   sing N N 124 
HOH O   H2   sing N N 125 
LEU N   CA   sing N N 126 
LEU N   H    sing N N 127 
LEU N   H2   sing N N 128 
LEU CA  C    sing N N 129 
LEU CA  CB   sing N N 130 
LEU CA  HA   sing N N 131 
LEU C   O    doub N N 132 
LEU C   OXT  sing N N 133 
LEU CB  CG   sing N N 134 
LEU CB  HB2  sing N N 135 
LEU CB  HB3  sing N N 136 
LEU CG  CD1  sing N N 137 
LEU CG  CD2  sing N N 138 
LEU CG  HG   sing N N 139 
LEU CD1 HD11 sing N N 140 
LEU CD1 HD12 sing N N 141 
LEU CD1 HD13 sing N N 142 
LEU CD2 HD21 sing N N 143 
LEU CD2 HD22 sing N N 144 
LEU CD2 HD23 sing N N 145 
LEU OXT HXT  sing N N 146 
PHE N   CA   sing N N 147 
PHE N   H    sing N N 148 
PHE N   H2   sing N N 149 
PHE CA  C    sing N N 150 
PHE CA  CB   sing N N 151 
PHE CA  HA   sing N N 152 
PHE C   O    doub N N 153 
PHE C   OXT  sing N N 154 
PHE CB  CG   sing N N 155 
PHE CB  HB2  sing N N 156 
PHE CB  HB3  sing N N 157 
PHE CG  CD1  doub Y N 158 
PHE CG  CD2  sing Y N 159 
PHE CD1 CE1  sing Y N 160 
PHE CD1 HD1  sing N N 161 
PHE CD2 CE2  doub Y N 162 
PHE CD2 HD2  sing N N 163 
PHE CE1 CZ   doub Y N 164 
PHE CE1 HE1  sing N N 165 
PHE CE2 CZ   sing Y N 166 
PHE CE2 HE2  sing N N 167 
PHE CZ  HZ   sing N N 168 
PHE OXT HXT  sing N N 169 
PRO N   CA   sing N N 170 
PRO N   CD   sing N N 171 
PRO N   H    sing N N 172 
PRO CA  C    sing N N 173 
PRO CA  CB   sing N N 174 
PRO CA  HA   sing N N 175 
PRO C   O    doub N N 176 
PRO C   OXT  sing N N 177 
PRO CB  CG   sing N N 178 
PRO CB  HB2  sing N N 179 
PRO CB  HB3  sing N N 180 
PRO CG  CD   sing N N 181 
PRO CG  HG2  sing N N 182 
PRO CG  HG3  sing N N 183 
PRO CD  HD2  sing N N 184 
PRO CD  HD3  sing N N 185 
PRO OXT HXT  sing N N 186 
SER N   CA   sing N N 187 
SER N   H    sing N N 188 
SER N   H2   sing N N 189 
SER CA  C    sing N N 190 
SER CA  CB   sing N N 191 
SER CA  HA   sing N N 192 
SER C   O    doub N N 193 
SER C   OXT  sing N N 194 
SER CB  OG   sing N N 195 
SER CB  HB2  sing N N 196 
SER CB  HB3  sing N N 197 
SER OG  HG   sing N N 198 
SER OXT HXT  sing N N 199 
THR N   CA   sing N N 200 
THR N   H    sing N N 201 
THR N   H2   sing N N 202 
THR CA  C    sing N N 203 
THR CA  CB   sing N N 204 
THR CA  HA   sing N N 205 
THR C   O    doub N N 206 
THR C   OXT  sing N N 207 
THR CB  OG1  sing N N 208 
THR CB  CG2  sing N N 209 
THR CB  HB   sing N N 210 
THR OG1 HG1  sing N N 211 
THR CG2 HG21 sing N N 212 
THR CG2 HG22 sing N N 213 
THR CG2 HG23 sing N N 214 
THR OXT HXT  sing N N 215 
VAL N   CA   sing N N 216 
VAL N   H    sing N N 217 
VAL N   H2   sing N N 218 
VAL CA  C    sing N N 219 
VAL CA  CB   sing N N 220 
VAL CA  HA   sing N N 221 
VAL C   O    doub N N 222 
VAL C   OXT  sing N N 223 
VAL CB  CG1  sing N N 224 
VAL CB  CG2  sing N N 225 
VAL CB  HB   sing N N 226 
VAL CG1 HG11 sing N N 227 
VAL CG1 HG12 sing N N 228 
VAL CG1 HG13 sing N N 229 
VAL CG2 HG21 sing N N 230 
VAL CG2 HG22 sing N N 231 
VAL CG2 HG23 sing N N 232 
VAL OXT HXT  sing N N 233 
# 
_pdbx_audit_support.funding_organization   'Not funded' 
_pdbx_audit_support.country                ? 
_pdbx_audit_support.grant_number           ? 
_pdbx_audit_support.ordinal                1 
# 
_pdbx_initial_refinement_model.id               1 
_pdbx_initial_refinement_model.entity_id_list   ? 
_pdbx_initial_refinement_model.type             'experimental model' 
_pdbx_initial_refinement_model.source_name      PDB 
_pdbx_initial_refinement_model.accession_code   7SAO 
_pdbx_initial_refinement_model.details          ? 
# 
_atom_sites.entry_id                    7SAP 
_atom_sites.Cartn_transf_matrix[1][1]   ? 
_atom_sites.Cartn_transf_matrix[1][2]   ? 
_atom_sites.Cartn_transf_matrix[1][3]   ? 
_atom_sites.Cartn_transf_matrix[2][1]   ? 
_atom_sites.Cartn_transf_matrix[2][2]   ? 
_atom_sites.Cartn_transf_matrix[2][3]   ? 
_atom_sites.Cartn_transf_matrix[3][1]   ? 
_atom_sites.Cartn_transf_matrix[3][2]   ? 
_atom_sites.Cartn_transf_matrix[3][3]   ? 
_atom_sites.Cartn_transf_vector[1]      ? 
_atom_sites.Cartn_transf_vector[2]      ? 
_atom_sites.Cartn_transf_vector[3]      ? 
_atom_sites.fract_transf_matrix[1][1]   -0.02906995 
_atom_sites.fract_transf_matrix[1][2]   -0.03647639 
_atom_sites.fract_transf_matrix[1][3]   0.02354050 
_atom_sites.fract_transf_matrix[2][1]   -0.01544244 
_atom_sites.fract_transf_matrix[2][2]   0.01239326 
_atom_sites.fract_transf_matrix[2][3]   0.00013383 
_atom_sites.fract_transf_matrix[3][1]   -0.01702322 
_atom_sites.fract_transf_matrix[3][2]   -0.02088078 
_atom_sites.fract_transf_matrix[3][3]   -0.03062989 
_atom_sites.fract_transf_vector[1]      -0.039318 
_atom_sites.fract_transf_vector[2]      -0.220783 
_atom_sites.fract_transf_vector[3]      -0.316847 
_atom_sites.solution_primary            ? 
_atom_sites.solution_secondary          ? 
_atom_sites.solution_hydrogens          ? 
_atom_sites.special_details             ? 
# 
loop_
_atom_type.symbol 
C 
N 
O 
S 
# 
loop_
_atom_site.group_PDB 
_atom_site.id 
_atom_site.type_symbol 
_atom_site.label_atom_id 
_atom_site.label_alt_id 
_atom_site.label_comp_id 
_atom_site.label_asym_id 
_atom_site.label_entity_id 
_atom_site.label_seq_id 
_atom_site.pdbx_PDB_ins_code 
_atom_site.Cartn_x 
_atom_site.Cartn_y 
_atom_site.Cartn_z 
_atom_site.occupancy 
_atom_site.B_iso_or_equiv 
_atom_site.pdbx_formal_charge 
_atom_site.auth_seq_id 
_atom_site.auth_comp_id 
_atom_site.auth_asym_id 
_atom_site.auth_atom_id 
_atom_site.pdbx_PDB_model_num 
ATOM   1   N N   . SER A 1 2  ? -2.300  12.419  -0.764  1.00 28.77 ? 0   SER A N   1 
ATOM   2   C CA  . SER A 1 2  ? -3.018  11.894  0.454   1.00 29.72 ? 0   SER A CA  1 
ATOM   3   C C   . SER A 1 2  ? -2.435  12.526  1.726   1.00 30.51 ? 0   SER A C   1 
ATOM   4   O O   . SER A 1 2  ? -1.197  12.568  1.856   1.00 36.41 ? 0   SER A O   1 
ATOM   5   C CB  . SER A 1 2  ? -2.955  10.384  0.530   1.00 29.78 ? 0   SER A CB  1 
ATOM   6   O OG  . SER A 1 2  ? -3.738  9.887   1.612   1.00 30.97 ? 0   SER A OG  1 
ATOM   7   N N   . SER A 1 3  ? -3.293  13.018  2.620   1.00 25.89 ? 1   SER A N   1 
ATOM   8   C CA  . SER A 1 3  ? -2.952  13.305  4.037   1.00 23.82 ? 1   SER A CA  1 
ATOM   9   C C   . SER A 1 3  ? -3.382  12.108  4.902   1.00 21.06 ? 1   SER A C   1 
ATOM   10  O O   . SER A 1 3  ? -4.578  11.979  5.235   1.00 19.40 ? 1   SER A O   1 
ATOM   11  C CB  . SER A 1 3  ? -3.577  14.596  4.482   1.00 25.58 ? 1   SER A CB  1 
ATOM   12  O OG  . SER A 1 3  ? -3.458  14.748  5.887   1.00 30.18 ? 1   SER A OG  1 
ATOM   13  N N   . CYS A 1 4  ? -2.455  11.213  5.251   1.00 18.86 ? 2   CYS A N   1 
ATOM   14  C CA  . CYS A 1 4  ? -2.809  9.983   6.011   1.00 17.22 ? 2   CYS A CA  1 
ATOM   15  C C   . CYS A 1 4  ? -1.777  9.711   7.124   1.00 16.39 ? 2   CYS A C   1 
ATOM   16  O O   . CYS A 1 4  ? -0.671  10.271  7.067   1.00 13.83 ? 2   CYS A O   1 
ATOM   17  C CB  . CYS A 1 4  ? -2.992  8.829   5.027   1.00 16.87 ? 2   CYS A CB  1 
ATOM   18  S SG  . CYS A 1 4  ? -1.596  8.606   3.889   1.00 16.09 ? 2   CYS A SG  1 
ATOM   19  N N   . GLN A 1 5  ? -2.147  8.899   8.123   1.00 16.18 ? 3   GLN A N   1 
ATOM   20  C CA  . GLN A 1 5  ? -1.231  8.460   9.204   1.00 16.58 ? 3   GLN A CA  1 
ATOM   21  C C   . GLN A 1 5  ? -0.240  7.479   8.595   1.00 15.36 ? 3   GLN A C   1 
ATOM   22  O O   . GLN A 1 5  ? -0.647  6.474   8.028   1.00 14.31 ? 3   GLN A O   1 
ATOM   23  C CB  . GLN A 1 5  ? -1.986  7.845   10.385  1.00 18.91 ? 3   GLN A CB  1 
ATOM   24  C CG  . GLN A 1 5  ? -2.741  8.870   11.228  1.00 21.67 ? 3   GLN A CG  1 
ATOM   25  C CD  . GLN A 1 5  ? -1.819  9.726   12.063  1.00 22.99 ? 3   GLN A CD  1 
ATOM   26  O OE1 . GLN A 1 5  ? -0.868  10.328  11.572  1.00 25.87 ? 3   GLN A OE1 1 
ATOM   27  N NE2 . GLN A 1 5  ? -2.065  9.751   13.361  1.00 24.73 ? 3   GLN A NE2 1 
ATOM   28  N N   . PRO A 1 6  ? 1.076   7.781   8.663   1.00 15.69 ? 4   PRO A N   1 
ATOM   29  C CA  . PRO A 1 6  ? 2.111   6.921   8.102   1.00 15.68 ? 4   PRO A CA  1 
ATOM   30  C C   . PRO A 1 6  ? 1.893   5.445   8.462   1.00 15.07 ? 4   PRO A C   1 
ATOM   31  O O   . PRO A 1 6  ? 1.698   5.122   9.614   1.00 14.32 ? 4   PRO A O   1 
ATOM   32  C CB  . PRO A 1 6  ? 3.399   7.476   8.720   1.00 15.89 ? 4   PRO A CB  1 
ATOM   33  C CG  . PRO A 1 6  ? 3.123   8.935   8.928   1.00 15.74 ? 4   PRO A CG  1 
ATOM   34  C CD  . PRO A 1 6  ? 1.648   9.000   9.255   1.00 16.02 ? 4   PRO A CD  1 
ATOM   35  N N   . GLY A 1 7  ? 1.899   4.592   7.443   1.00 15.04 ? 5   GLY A N   1 
ATOM   36  C CA  . GLY A 1 7  ? 1.845   3.134   7.602   1.00 14.66 ? 5   GLY A CA  1 
ATOM   37  C C   . GLY A 1 7  ? 0.472   2.631   7.997   1.00 15.42 ? 5   GLY A C   1 
ATOM   38  O O   . GLY A 1 7  ? 0.345   1.418   8.209   1.00 15.39 ? 5   GLY A O   1 
ATOM   39  N N   . THR A 1 8  ? -0.545  3.489   8.101   1.00 16.51 ? 6   THR A N   1 
ATOM   40  C CA  . THR A 1 8  ? -1.906  2.998   8.439   1.00 18.38 ? 6   THR A CA  1 
ATOM   41  C C   . THR A 1 8  ? -2.573  2.420   7.188   1.00 18.63 ? 6   THR A C   1 
ATOM   42  O O   . THR A 1 8  ? -2.233  2.818   6.063   1.00 17.92 ? 6   THR A O   1 
ATOM   43  C CB  . THR A 1 8  ? -2.755  4.059   9.163   1.00 19.48 ? 6   THR A CB  1 
ATOM   44  O OG1 . THR A 1 8  ? -3.048  5.137   8.269   1.00 19.99 ? 6   THR A OG1 1 
ATOM   45  C CG2 . THR A 1 8  ? -2.060  4.560   10.417  1.00 20.22 ? 6   THR A CG2 1 
ATOM   46  N N   . THR A 1 9  ? -3.519  1.517   7.409   1.00 19.61 ? 7   THR A N   1 
ATOM   47  C CA  . THR A 1 9  ? -4.411  0.937   6.379   1.00 19.67 ? 7   THR A CA  1 
ATOM   48  C C   . THR A 1 9  ? -5.740  1.702   6.412   1.00 20.10 ? 7   THR A C   1 
ATOM   49  O O   . THR A 1 9  ? -6.242  1.997   7.506   1.00 19.79 ? 7   THR A O   1 
ATOM   50  C CB  . THR A 1 9  ? -4.605  -0.562  6.639   1.00 20.86 ? 7   THR A CB  1 
ATOM   51  O OG1 . THR A 1 9  ? -3.331  -1.195  6.529   1.00 22.49 ? 7   THR A OG1 1 
ATOM   52  C CG2 . THR A 1 9  ? -5.554  -1.223  5.667   1.00 22.89 ? 7   THR A CG2 1 
ATOM   53  N N   . PHE A 1 10 ? -6.278  2.051   5.256   1.00 17.75 ? 8   PHE A N   1 
ATOM   54  C CA  . PHE A 1 10 ? -7.604  2.696   5.120   1.00 18.36 ? 8   PHE A CA  1 
ATOM   55  C C   . PHE A 1 10 ? -8.217  2.236   3.796   1.00 18.98 ? 8   PHE A C   1 
ATOM   56  O O   . PHE A 1 10 ? -7.563  1.451   3.082   1.00 17.65 ? 8   PHE A O   1 
ATOM   57  C CB  . PHE A 1 10 ? -7.484  4.212   5.239   1.00 17.14 ? 8   PHE A CB  1 
ATOM   58  C CG  . PHE A 1 10 ? -6.722  4.905   4.134   1.00 18.02 ? 8   PHE A CG  1 
ATOM   59  C CD1 . PHE A 1 10 ? -5.332  4.989   4.164   1.00 17.32 ? 8   PHE A CD1 1 
ATOM   60  C CD2 . PHE A 1 10 ? -7.395  5.508   3.079   1.00 17.31 ? 8   PHE A CD2 1 
ATOM   61  C CE1 . PHE A 1 10 ? -4.639  5.650   3.166   1.00 17.27 ? 8   PHE A CE1 1 
ATOM   62  C CE2 . PHE A 1 10 ? -6.694  6.136   2.063   1.00 17.42 ? 8   PHE A CE2 1 
ATOM   63  C CZ  . PHE A 1 10 ? -5.324  6.225   2.115   1.00 17.28 ? 8   PHE A CZ  1 
ATOM   64  N N   . ARG A 1 11 ? -9.455  2.649   3.526   1.00 20.32 ? 9   ARG A N   1 
ATOM   65  C CA  . ARG A 1 11 ? -10.228 2.233   2.329   1.00 21.54 ? 9   ARG A CA  1 
ATOM   66  C C   . ARG A 1 11 ? -10.540 3.451   1.458   1.00 20.04 ? 9   ARG A C   1 
ATOM   67  O O   . ARG A 1 11 ? -10.746 4.551   1.994   1.00 18.21 ? 9   ARG A O   1 
ATOM   68  C CB  . ARG A 1 11 ? -11.476 1.460   2.757   1.00 25.90 ? 9   ARG A CB  1 
ATOM   69  C CG  . ARG A 1 11 ? -11.166 0.004   3.072   1.00 30.22 ? 9   ARG A CG  1 
ATOM   70  C CD  . ARG A 1 11 ? -12.288 -0.682  3.812   1.00 35.64 ? 9   ARG A CD  1 
ATOM   71  N NE  . ARG A 1 11 ? -13.334 -1.025  2.857   1.00 42.52 ? 9   ARG A NE  1 
ATOM   72  C CZ  . ARG A 1 11 ? -13.417 -2.166  2.177   1.00 43.54 ? 9   ARG A CZ  1 
ATOM   73  N NH1 . ARG A 1 11 ? -12.516 -3.123  2.340   1.00 43.38 ? 9   ARG A NH1 1 
ATOM   74  N NH2 . ARG A 1 11 ? -14.429 -2.352  1.341   1.00 47.31 ? 9   ARG A NH2 1 
ATOM   75  N N   . ARG A 1 12 ? -10.461 3.266   0.143   1.00 17.19 ? 10  ARG A N   1 
ATOM   76  C CA  . ARG A 1 12 ? -11.127 4.121   -0.856  1.00 16.03 ? 10  ARG A CA  1 
ATOM   77  C C   . ARG A 1 12 ? -12.150 3.210   -1.508  1.00 15.84 ? 10  ARG A C   1 
ATOM   78  O O   . ARG A 1 12 ? -11.716 2.308   -2.254  1.00 14.24 ? 10  ARG A O   1 
ATOM   79  C CB  . ARG A 1 12 ? -10.135 4.680   -1.876  1.00 16.08 ? 10  ARG A CB  1 
ATOM   80  C CG  . ARG A 1 12 ? -9.193  5.729   -1.315  1.00 16.24 ? 10  ARG A CG  1 
ATOM   81  C CD  . ARG A 1 12 ? -8.204  6.187   -2.355  1.00 16.25 ? 10  ARG A CD  1 
ATOM   82  N NE  . ARG A 1 12 ? -7.221  7.086   -1.771  1.00 17.07 ? 10  ARG A NE  1 
ATOM   83  C CZ  . ARG A 1 12 ? -6.049  7.409   -2.314  1.00 17.65 ? 10  ARG A CZ  1 
ATOM   84  N NH1 . ARG A 1 12 ? -5.703  6.919   -3.495  1.00 17.93 ? 10  ARG A NH1 1 
ATOM   85  N NH2 . ARG A 1 12 ? -5.233  8.241   -1.679  1.00 17.62 ? 10  ARG A NH2 1 
ATOM   86  N N   . ASP A 1 13 ? -13.430 3.349   -1.155  1.00 16.60 ? 11  ASP A N   1 
ATOM   87  C CA  . ASP A 1 13 ? -14.507 2.512   -1.743  1.00 16.32 ? 11  ASP A CA  1 
ATOM   88  C C   . ASP A 1 13 ? -14.203 1.054   -1.372  1.00 15.95 ? 11  ASP A C   1 
ATOM   89  O O   . ASP A 1 13 ? -13.978 0.794   -0.181  1.00 16.46 ? 11  ASP A O   1 
ATOM   90  C CB  . ASP A 1 13 ? -14.595 2.759   -3.258  1.00 18.85 ? 11  ASP A CB  1 
ATOM   91  C CG  . ASP A 1 13 ? -14.850 4.210   -3.676  1.00 20.05 ? 11  ASP A CG  1 
ATOM   92  O OD1 . ASP A 1 13 ? -15.426 4.981   -2.870  1.00 19.81 ? 11  ASP A OD1 1 
ATOM   93  O OD2 . ASP A 1 13 ? -14.477 4.552   -4.830  1.00 24.60 ? 11  ASP A OD2 1 
ATOM   94  N N   . CYS A 1 14 ? -14.083 0.144   -2.341  1.00 14.35 ? 12  CYS A N   1 
ATOM   95  C CA  . CYS A 1 14 ? -13.818 -1.302  -2.084  1.00 14.37 ? 12  CYS A CA  1 
ATOM   96  C C   . CYS A 1 14 ? -12.311 -1.603  -1.975  1.00 14.22 ? 12  CYS A C   1 
ATOM   97  O O   . CYS A 1 14 ? -11.981 -2.779  -1.772  1.00 14.51 ? 12  CYS A O   1 
ATOM   98  C CB  . CYS A 1 14 ? -14.449 -2.165  -3.171  1.00 14.61 ? 12  CYS A CB  1 
ATOM   99  S SG  . CYS A 1 14 ? -13.560 -2.128  -4.743  1.00 14.56 ? 12  CYS A SG  1 
ATOM   100 N N   . ASN A 1 15 ? -11.432 -0.599  -2.098  1.00 14.44 ? 13  ASN A N   1 
ATOM   101 C CA  . ASN A 1 15 ? -9.955  -0.770  -2.180  1.00 14.09 ? 13  ASN A CA  1 
ATOM   102 C C   . ASN A 1 15 ? -9.287  -0.590  -0.818  1.00 14.87 ? 13  ASN A C   1 
ATOM   103 O O   . ASN A 1 15 ? -9.690  0.304   -0.049  1.00 14.33 ? 13  ASN A O   1 
ATOM   104 C CB  . ASN A 1 15 ? -9.351  0.136   -3.265  1.00 13.94 ? 13  ASN A CB  1 
ATOM   105 C CG  . ASN A 1 15 ? -9.643  -0.444  -4.633  1.00 14.47 ? 13  ASN A CG  1 
ATOM   106 O OD1 . ASN A 1 15 ? -10.299 0.166   -5.496  1.00 16.79 ? 13  ASN A OD1 1 
ATOM   107 N ND2 . ASN A 1 15 ? -9.195  -1.668  -4.813  1.00 13.02 ? 13  ASN A ND2 1 
ATOM   108 N N   . THR A 1 16 ? -8.290  -1.442  -0.563  1.00 15.14 ? 14  THR A N   1 
ATOM   109 C CA  . THR A 1 16 ? -7.350  -1.356  0.575   1.00 16.37 ? 14  THR A CA  1 
ATOM   110 C C   . THR A 1 16 ? -6.234  -0.404  0.155   1.00 15.15 ? 14  THR A C   1 
ATOM   111 O O   . THR A 1 16 ? -5.653  -0.617  -0.948  1.00 14.09 ? 14  THR A O   1 
ATOM   112 C CB  . THR A 1 16 ? -6.751  -2.721  0.943   1.00 18.64 ? 14  THR A CB  1 
ATOM   113 O OG1 . THR A 1 16 ? -7.806  -3.659  1.170   1.00 20.11 ? 14  THR A OG1 1 
ATOM   114 C CG2 . THR A 1 16 ? -5.834  -2.640  2.150   1.00 20.34 ? 14  THR A CG2 1 
ATOM   115 N N   . CYS A 1 17 ? -5.940  0.578   0.993   1.00 13.23 ? 15  CYS A N   1 
ATOM   116 C CA  . CYS A 1 17 ? -4.811  1.520   0.789   1.00 13.58 ? 15  CYS A CA  1 
ATOM   117 C C   . CYS A 1 17 ? -3.892  1.422   1.992   1.00 13.95 ? 15  CYS A C   1 
ATOM   118 O O   . CYS A 1 17 ? -4.416  1.197   3.106   1.00 15.38 ? 15  CYS A O   1 
ATOM   119 C CB  . CYS A 1 17 ? -5.282  2.961   0.669   1.00 13.92 ? 15  CYS A CB  1 
ATOM   120 S SG  . CYS A 1 17 ? -6.435  3.180   -0.702  1.00 13.23 ? 15  CYS A SG  1 
ATOM   121 N N   . VAL A 1 18 ? -2.594  1.569   1.769   1.00 12.74 ? 16  VAL A N   1 
ATOM   122 C CA  . VAL A 1 18 ? -1.604  1.729   2.869   1.00 12.63 ? 16  VAL A CA  1 
ATOM   123 C C   . VAL A 1 18 ? -0.898  3.064   2.686   1.00 13.12 ? 16  VAL A C   1 
ATOM   124 O O   . VAL A 1 18 ? -0.436  3.357   1.584   1.00 12.64 ? 16  VAL A O   1 
ATOM   125 C CB  . VAL A 1 18 ? -0.615  0.564   2.956   1.00 13.27 ? 16  VAL A CB  1 
ATOM   126 C CG1 . VAL A 1 18 ? 0.479   0.876   3.980   1.00 13.33 ? 16  VAL A CG1 1 
ATOM   127 C CG2 . VAL A 1 18 ? -1.342  -0.747  3.290   1.00 13.05 ? 16  VAL A CG2 1 
ATOM   128 N N   . CYS A 1 19 ? -0.881  3.863   3.754   1.00 13.29 ? 17  CYS A N   1 
ATOM   129 C CA  . CYS A 1 19 ? -0.244  5.193   3.785   1.00 13.75 ? 17  CYS A CA  1 
ATOM   130 C C   . CYS A 1 19 ? 1.284   5.031   3.755   1.00 13.95 ? 17  CYS A C   1 
ATOM   131 O O   . CYS A 1 19 ? 1.822   4.175   4.458   1.00 13.14 ? 17  CYS A O   1 
ATOM   132 C CB  . CYS A 1 19 ? -0.709  5.931   5.022   1.00 13.67 ? 17  CYS A CB  1 
ATOM   133 S SG  . CYS A 1 19 ? -0.177  7.650   5.007   1.00 14.62 ? 17  CYS A SG  1 
ATOM   134 N N   . ASN A 1 20 ? 1.959   5.865   2.976   1.00 15.59 ? 18  ASN A N   1 
ATOM   135 C CA  . ASN A 1 20 ? 3.427   5.816   2.801   1.00 16.29 ? 18  ASN A CA  1 
ATOM   136 C C   . ASN A 1 20 ? 4.075   6.316   4.091   1.00 16.06 ? 18  ASN A C   1 
ATOM   137 O O   . ASN A 1 20 ? 3.362   6.673   5.024   1.00 15.60 ? 18  ASN A O   1 
ATOM   138 C CB  . ASN A 1 20 ? 3.866   6.580   1.548   1.00 17.82 ? 18  ASN A CB  1 
ATOM   139 C CG  . ASN A 1 20 ? 3.747   8.083   1.678   1.00 17.93 ? 18  ASN A CG  1 
ATOM   140 O OD1 . ASN A 1 20 ? 3.340   8.606   2.708   1.00 17.53 ? 18  ASN A OD1 1 
ATOM   141 N ND2 . ASN A 1 20 ? 4.145   8.788   0.638   1.00 19.72 ? 18  ASN A ND2 1 
ATOM   142 N N   . ARG A 1 21 ? 5.397   6.308   4.126   1.00 17.09 ? 19  ARG A N   1 
ATOM   143 C CA  . ARG A 1 21 ? 6.205   6.443   5.359   1.00 19.64 ? 19  ARG A CA  1 
ATOM   144 C C   . ARG A 1 21 ? 6.073   7.858   5.935   1.00 19.74 ? 19  ARG A C   1 
ATOM   145 O O   . ARG A 1 21 ? 6.198   7.996   7.176   1.00 17.75 ? 19  ARG A O   1 
ATOM   146 C CB  . ARG A 1 21 ? 7.660   6.125   5.030   1.00 21.04 ? 19  ARG A CB  1 
ATOM   147 C CG  . ARG A 1 21 ? 8.435   5.564   6.205   1.00 24.56 ? 19  ARG A CG  1 
ATOM   148 C CD  . ARG A 1 21 ? 9.895   5.380   5.835   1.00 25.11 ? 19  ARG A CD  1 
ATOM   149 N NE  . ARG A 1 21 ? 10.716  5.332   7.035   1.00 25.13 ? 19  ARG A NE  1 
ATOM   150 C CZ  . ARG A 1 21 ? 10.802  4.278   7.831   1.00 23.56 ? 19  ARG A CZ  1 
ATOM   151 N NH1 . ARG A 1 21 ? 10.120  3.180   7.556   1.00 22.20 ? 19  ARG A NH1 1 
ATOM   152 N NH2 . ARG A 1 21 ? 11.607  4.319   8.883   1.00 25.75 ? 19  ARG A NH2 1 
ATOM   153 N N   . ASP A 1 22 ? 5.848   8.881   5.099   1.00 19.50 ? 20  ASP A N   1 
ATOM   154 C CA  . ASP A 1 22 ? 5.797   10.269  5.630   1.00 20.68 ? 20  ASP A CA  1 
ATOM   155 C C   . ASP A 1 22 ? 4.388   10.864  5.529   1.00 18.71 ? 20  ASP A C   1 
ATOM   156 O O   . ASP A 1 22 ? 4.272   12.070  5.759   1.00 17.47 ? 20  ASP A O   1 
ATOM   157 C CB  . ASP A 1 22 ? 6.896   11.129  5.010   1.00 24.79 ? 20  ASP A CB  1 
ATOM   158 C CG  . ASP A 1 22 ? 6.737   11.359  3.525   1.00 26.63 ? 20  ASP A CG  1 
ATOM   159 O OD1 . ASP A 1 22 ? 5.774   10.811  2.946   1.00 27.81 ? 20  ASP A OD1 1 
ATOM   160 O OD2 . ASP A 1 22 ? 7.592   12.067  2.960   1.00 30.94 ? 20  ASP A OD2 1 
ATOM   161 N N   . GLY A 1 23 ? 3.351   10.061  5.272   1.00 17.75 ? 21  GLY A N   1 
ATOM   162 C CA  . GLY A 1 23 ? 1.942   10.494  5.422   1.00 17.63 ? 21  GLY A CA  1 
ATOM   163 C C   . GLY A 1 23 ? 1.463   11.428  4.313   1.00 19.74 ? 21  GLY A C   1 
ATOM   164 O O   . GLY A 1 23 ? 0.490   12.185  4.540   1.00 19.64 ? 21  GLY A O   1 
ATOM   165 N N   . THR A 1 24 ? 2.062   11.354  3.123   1.00 20.98 ? 22  THR A N   1 
ATOM   166 C CA  . THR A 1 24 ? 1.784   12.291  2.000   1.00 22.30 ? 22  THR A CA  1 
ATOM   167 C C   . THR A 1 24 ? 1.164   11.563  0.801   1.00 21.37 ? 22  THR A C   1 
ATOM   168 O O   . THR A 1 24 ? 0.827   12.238  -0.178  1.00 21.67 ? 22  THR A O   1 
ATOM   169 C CB  . THR A 1 24 ? 3.079   12.981  1.555   1.00 22.12 ? 22  THR A CB  1 
ATOM   170 O OG1 . THR A 1 24 ? 3.940   11.973  1.022   1.00 22.18 ? 22  THR A OG1 1 
ATOM   171 C CG2 . THR A 1 24 ? 3.752   13.714  2.691   1.00 22.99 ? 22  THR A CG2 1 
ATOM   172 N N   . ASN A 1 25 ? 1.082   10.234  0.836   1.00 20.79 ? 23  ASN A N   1 
ATOM   173 C CA  . ASN A 1 25 ? 0.565   9.442   -0.305  1.00 21.26 ? 23  ASN A CA  1 
ATOM   174 C C   . ASN A 1 25 ? 0.226   8.035   0.195   1.00 18.49 ? 23  ASN A C   1 
ATOM   175 O O   . ASN A 1 25 ? 0.563   7.715   1.329   1.00 18.59 ? 23  ASN A O   1 
ATOM   176 C CB  . ASN A 1 25 ? 1.534   9.426   -1.493  1.00 23.01 ? 23  ASN A CB  1 
ATOM   177 C CG  . ASN A 1 25 ? 0.839   9.627   -2.829  1.00 27.00 ? 23  ASN A CG  1 
ATOM   178 O OD1 . ASN A 1 25 ? -0.118  8.922   -3.163  1.00 26.29 ? 23  ASN A OD1 1 
ATOM   179 N ND2 . ASN A 1 25 ? 1.306   10.594  -3.608  1.00 29.52 ? 23  ASN A ND2 1 
ATOM   180 N N   . ALA A 1 26 ? -0.448  7.259   -0.644  1.00 16.79 ? 24  ALA A N   1 
ATOM   181 C CA  . ALA A 1 26 ? -0.971  5.916   -0.348  1.00 15.26 ? 24  ALA A CA  1 
ATOM   182 C C   . ALA A 1 26 ? -0.847  5.056   -1.620  1.00 15.15 ? 24  ALA A C   1 
ATOM   183 O O   . ALA A 1 26 ? -0.935  5.604   -2.752  1.00 14.35 ? 24  ALA A O   1 
ATOM   184 C CB  . ALA A 1 26 ? -2.387  6.052   0.139   1.00 15.17 ? 24  ALA A CB  1 
ATOM   185 N N   . ALA A 1 27 ? -0.528  3.774   -1.451  1.00 14.21 ? 25  ALA A N   1 
ATOM   186 C CA  . ALA A 1 27 ? -0.696  2.746   -2.495  1.00 13.69 ? 25  ALA A CA  1 
ATOM   187 C C   . ALA A 1 27 ? -1.967  1.960   -2.152  1.00 13.67 ? 25  ALA A C   1 
ATOM   188 O O   . ALA A 1 27 ? -2.153  1.573   -0.990  1.00 12.53 ? 25  ALA A O   1 
ATOM   189 C CB  . ALA A 1 27 ? 0.517   1.875   -2.584  1.00 13.99 ? 25  ALA A CB  1 
ATOM   190 N N   . CYS A 1 28 ? -2.838  1.792   -3.138  1.00 13.92 ? 26  CYS A N   1 
ATOM   191 C CA  . CYS A 1 28 ? -4.161  1.131   -2.991  1.00 13.97 ? 26  CYS A CA  1 
ATOM   192 C C   . CYS A 1 28 ? -4.264  -0.041  -3.974  1.00 14.17 ? 26  CYS A C   1 
ATOM   193 O O   . CYS A 1 28 ? -3.635  0.009   -5.061  1.00 14.07 ? 26  CYS A O   1 
ATOM   194 C CB  . CYS A 1 28 ? -5.307  2.110   -3.251  1.00 13.94 ? 26  CYS A CB  1 
ATOM   195 S SG  . CYS A 1 28 ? -5.210  3.613   -2.254  1.00 14.00 ? 26  CYS A SG  1 
ATOM   196 N N   . THR A 1 29 ? -5.059  -1.043  -3.614  1.00 14.35 ? 27  THR A N   1 
ATOM   197 C CA  . THR A 1 29 ? -5.461  -2.136  -4.520  1.00 14.37 ? 27  THR A CA  1 
ATOM   198 C C   . THR A 1 29 ? -6.189  -1.480  -5.690  1.00 14.87 ? 27  THR A C   1 
ATOM   199 O O   . THR A 1 29 ? -6.676  -0.329  -5.513  1.00 14.47 ? 27  THR A O   1 
ATOM   200 C CB  . THR A 1 29 ? -6.283  -3.198  -3.767  1.00 14.46 ? 27  THR A CB  1 
ATOM   201 O OG1 . THR A 1 29 ? -7.400  -2.602  -3.110  1.00 13.08 ? 27  THR A OG1 1 
ATOM   202 C CG2 . THR A 1 29 ? -5.460  -3.926  -2.724  1.00 14.45 ? 27  THR A CG2 1 
ATOM   203 N N   . LEU A 1 30 ? -6.246  -2.163  -6.833  1.00 15.72 ? 28  LEU A N   1 
ATOM   204 C CA  . LEU A 1 30 ? -6.849  -1.640  -8.089  1.00 17.20 ? 28  LEU A CA  1 
ATOM   205 C C   . LEU A 1 30 ? -8.076  -2.472  -8.471  1.00 17.41 ? 28  LEU A C   1 
ATOM   206 O O   . LEU A 1 30 ? -8.233  -2.839  -9.621  1.00 17.57 ? 28  LEU A O   1 
ATOM   207 C CB  . LEU A 1 30 ? -5.771  -1.638  -9.171  1.00 17.48 ? 28  LEU A CB  1 
ATOM   208 C CG  . LEU A 1 30 ? -4.577  -0.755  -8.840  1.00 18.42 ? 28  LEU A CG  1 
ATOM   209 C CD1 . LEU A 1 30 ? -3.432  -1.016  -9.806  1.00 18.68 ? 28  LEU A CD1 1 
ATOM   210 C CD2 . LEU A 1 30 ? -4.983  0.707   -8.864  1.00 19.81 ? 28  LEU A CD2 1 
ATOM   211 N N   . ARG A 1 31 ? -8.936  -2.747  -7.512  1.00 18.81 ? 29  ARG A N   1 
ATOM   212 C CA  . ARG A 1 31 ? -10.217 -3.447  -7.779  1.00 20.41 ? 29  ARG A CA  1 
ATOM   213 C C   . ARG A 1 31 ? -11.138 -2.471  -8.503  1.00 18.15 ? 29  ARG A C   1 
ATOM   214 O O   . ARG A 1 31 ? -11.080 -1.268  -8.212  1.00 17.80 ? 29  ARG A O   1 
ATOM   215 C CB  . ARG A 1 31 ? -10.838 -3.928  -6.476  1.00 21.64 ? 29  ARG A CB  1 
ATOM   216 C CG  . ARG A 1 31 ? -9.950  -4.859  -5.669  1.00 24.62 ? 29  ARG A CG  1 
ATOM   217 C CD  . ARG A 1 31 ? -10.604 -5.133  -4.325  1.00 28.40 ? 29  ARG A CD  1 
ATOM   218 N NE  . ARG A 1 31 ? -9.650  -5.903  -3.567  1.00 34.90 ? 29  ARG A NE  1 
ATOM   219 C CZ  . ARG A 1 31 ? -9.119  -5.557  -2.410  1.00 32.01 ? 29  ARG A CZ  1 
ATOM   220 N NH1 . ARG A 1 31 ? -9.505  -4.461  -1.786  1.00 34.33 ? 29  ARG A NH1 1 
ATOM   221 N NH2 . ARG A 1 31 ? -8.236  -6.354  -1.855  1.00 34.91 ? 29  ARG A NH2 1 
ATOM   222 N N   . ALA A 1 32 ? -11.955 -2.981  -9.416  1.00 19.22 ? 30  ALA A N   1 
ATOM   223 C CA  . ALA A 1 32 ? -13.144 -2.282  -9.943  1.00 17.75 ? 30  ALA A CA  1 
ATOM   224 C C   . ALA A 1 32 ? -14.266 -2.577  -8.953  1.00 17.97 ? 30  ALA A C   1 
ATOM   225 O O   . ALA A 1 32 ? -14.660 -3.742  -8.839  1.00 17.35 ? 30  ALA A O   1 
ATOM   226 C CB  . ALA A 1 32 ? -13.478 -2.747  -11.336 1.00 18.68 ? 30  ALA A CB  1 
ATOM   227 N N   . CYS A 1 33 ? -14.736 -1.552  -8.242  1.00 17.07 ? 31  CYS A N   1 
ATOM   228 C CA  . CYS A 1 33 ? -15.720 -1.680  -7.149  1.00 16.00 ? 31  CYS A CA  1 
ATOM   229 C C   . CYS A 1 33 ? -17.136 -1.860  -7.710  1.00 16.71 ? 31  CYS A C   1 
ATOM   230 O O   . CYS A 1 33 ? -18.050 -2.224  -6.962  1.00 19.32 ? 31  CYS A O   1 
ATOM   231 C CB  . CYS A 1 33 ? -15.620 -0.469  -6.243  1.00 14.88 ? 31  CYS A CB  1 
ATOM   232 S SG  . CYS A 1 33 ? -13.943 -0.334  -5.592  1.00 14.33 ? 31  CYS A SG  1 
ATOM   233 N N   . LEU A 1 34 ? -17.320 -1.328  -9.305  1.00 25.65 ? 32  LEU A N   1 
ATOM   234 C CA  . LEU A 1 34 ? -18.669 -1.538  -9.866  1.00 28.76 ? 32  LEU A CA  1 
ATOM   235 C C   . LEU A 1 34 ? -18.519 -2.473  -11.057 1.00 31.30 ? 32  LEU A C   1 
ATOM   236 O O   . LEU A 1 34 ? -17.409 -2.477  -11.596 1.00 32.90 ? 32  LEU A O   1 
ATOM   237 C CB  . LEU A 1 34 ? -19.244 -0.183  -10.279 1.00 29.14 ? 32  LEU A CB  1 
ATOM   238 C CG  . LEU A 1 34 ? -19.579 0.743   -9.115  1.00 29.11 ? 32  LEU A CG  1 
ATOM   239 C CD1 . LEU A 1 34 ? -19.709 2.169   -9.594  1.00 29.12 ? 32  LEU A CD1 1 
ATOM   240 C CD2 . LEU A 1 34 ? -20.848 0.283   -8.418  1.00 30.61 ? 32  LEU A CD2 1 
ATOM   241 O OXT . LEU A 1 34 ? -19.469 -3.176  -11.413 1.00 38.99 ? 32  LEU A OXT 1 
ATOM   242 N N   . GLY B 1 1  ? 6.815   0.535   -14.419 1.00 19.97 ? -1  GLY B N   1 
ATOM   243 C CA  . GLY B 1 1  ? 7.889   -0.271  -13.802 1.00 20.85 ? -1  GLY B CA  1 
ATOM   244 C C   . GLY B 1 1  ? 7.457   -1.712  -13.630 1.00 20.06 ? -1  GLY B C   1 
ATOM   245 O O   . GLY B 1 1  ? 6.266   -1.974  -13.814 1.00 19.85 ? -1  GLY B O   1 
ATOM   246 N N   . SER B 1 2  ? 8.373   -2.608  -13.254 1.00 18.44 ? 0   SER B N   1 
ATOM   247 C CA  . SER B 1 2  ? 8.057   -4.033  -12.965 1.00 19.85 ? 0   SER B CA  1 
ATOM   248 C C   . SER B 1 2  ? 8.829   -4.526  -11.733 1.00 18.56 ? 0   SER B C   1 
ATOM   249 O O   . SER B 1 2  ? 9.334   -5.677  -11.752 1.00 19.46 ? 0   SER B O   1 
ATOM   250 C CB  . SER B 1 2  ? 8.344   -4.861  -14.169 1.00 21.29 ? 0   SER B CB  1 
ATOM   251 O OG  . SER B 1 2  ? 9.657   -4.596  -14.593 1.00 22.71 ? 0   SER B OG  1 
ATOM   252 N N   . SER B 1 3  ? 8.881   -3.711  -10.676 1.00 16.49 ? 1   SER B N   1 
ATOM   253 C CA  . SER B 1 3  ? 9.465   -4.102  -9.367  1.00 16.67 ? 1   SER B CA  1 
ATOM   254 C C   . SER B 1 3  ? 8.402   -4.903  -8.615  1.00 15.26 ? 1   SER B C   1 
ATOM   255 O O   . SER B 1 3  ? 8.771   -5.803  -7.852  1.00 15.44 ? 1   SER B O   1 
ATOM   256 C CB  . SER B 1 3  ? 9.947   -2.894  -8.570  1.00 16.21 ? 1   SER B CB  1 
ATOM   257 O OG  . SER B 1 3  ? 10.991  -2.239  -9.270  1.00 18.24 ? 1   SER B OG  1 
ATOM   258 N N   . CYS B 1 4  ? 7.125   -4.566  -8.842  1.00 14.02 ? 2   CYS B N   1 
ATOM   259 C CA  . CYS B 1 4  ? 5.960   -5.309  -8.303  1.00 12.93 ? 2   CYS B CA  1 
ATOM   260 C C   . CYS B 1 4  ? 4.758   -5.140  -9.241  1.00 12.76 ? 2   CYS B C   1 
ATOM   261 O O   . CYS B 1 4  ? 4.741   -4.170  -10.042 1.00 11.07 ? 2   CYS B O   1 
ATOM   262 C CB  . CYS B 1 4  ? 5.669   -4.892  -6.859  1.00 12.79 ? 2   CYS B CB  1 
ATOM   263 S SG  . CYS B 1 4  ? 5.410   -3.119  -6.583  1.00 12.37 ? 2   CYS B SG  1 
ATOM   264 N N   . GLN B 1 5  ? 3.768   -6.036  -9.131  1.00 13.11 ? 3   GLN B N   1 
ATOM   265 C CA  . GLN B 1 5  ? 2.515   -5.975  -9.938  1.00 13.56 ? 3   GLN B CA  1 
ATOM   266 C C   . GLN B 1 5  ? 1.616   -4.894  -9.354  1.00 13.42 ? 3   GLN B C   1 
ATOM   267 O O   . GLN B 1 5  ? 1.250   -4.949  -8.187  1.00 12.18 ? 3   GLN B O   1 
ATOM   268 C CB  . GLN B 1 5  ? 1.793   -7.315  -9.957  1.00 14.76 ? 3   GLN B CB  1 
ATOM   269 C CG  . GLN B 1 5  ? 2.560   -8.403  -10.705 1.00 16.88 ? 3   GLN B CG  1 
ATOM   270 C CD  . GLN B 1 5  ? 2.323   -8.323  -12.193 1.00 18.08 ? 3   GLN B CD  1 
ATOM   271 O OE1 . GLN B 1 5  ? 2.596   -7.308  -12.826 1.00 20.60 ? 3   GLN B OE1 1 
ATOM   272 N NE2 . GLN B 1 5  ? 1.762   -9.383  -12.757 1.00 19.96 ? 3   GLN B NE2 1 
ATOM   273 N N   . PRO B 1 6  ? 1.275   -3.859  -10.148 1.00 13.87 ? 4   PRO B N   1 
ATOM   274 C CA  . PRO B 1 6  ? 0.437   -2.766  -9.666  1.00 13.89 ? 4   PRO B CA  1 
ATOM   275 C C   . PRO B 1 6  ? -0.801  -3.246  -8.882  1.00 13.57 ? 4   PRO B C   1 
ATOM   276 O O   . PRO B 1 6  ? -1.509  -4.100  -9.360  1.00 13.04 ? 4   PRO B O   1 
ATOM   277 C CB  . PRO B 1 6  ? 0.015   -2.078  -10.978 1.00 13.77 ? 4   PRO B CB  1 
ATOM   278 C CG  . PRO B 1 6  ? 1.197   -2.314  -11.917 1.00 14.12 ? 4   PRO B CG  1 
ATOM   279 C CD  . PRO B 1 6  ? 1.675   -3.701  -11.567 1.00 14.12 ? 4   PRO B CD  1 
ATOM   280 N N   . GLY B 1 7  ? -1.016  -2.674  -7.696  1.00 13.87 ? 5   GLY B N   1 
ATOM   281 C CA  . GLY B 1 7  ? -2.194  -2.898  -6.839  1.00 13.22 ? 5   GLY B CA  1 
ATOM   282 C C   . GLY B 1 7  ? -2.127  -4.202  -6.055  1.00 13.52 ? 5   GLY B C   1 
ATOM   283 O O   . GLY B 1 7  ? -3.086  -4.468  -5.311  1.00 13.17 ? 5   GLY B O   1 
ATOM   284 N N   . THR B 1 8  ? -1.083  -5.027  -6.205  1.00 13.15 ? 6   THR B N   1 
ATOM   285 C CA  . THR B 1 8  ? -1.006  -6.316  -5.472  1.00 13.38 ? 6   THR B CA  1 
ATOM   286 C C   . THR B 1 8  ? -0.664  -6.029  -4.009  1.00 13.13 ? 6   THR B C   1 
ATOM   287 O O   . THR B 1 8  ? 0.035   -5.036  -3.735  1.00 12.33 ? 6   THR B O   1 
ATOM   288 C CB  . THR B 1 8  ? -0.017  -7.346  -6.054  1.00 14.20 ? 6   THR B CB  1 
ATOM   289 O OG1 . THR B 1 8  ? 1.291   -6.781  -6.117  1.00 14.54 ? 6   THR B OG1 1 
ATOM   290 C CG2 . THR B 1 8  ? -0.424  -7.841  -7.423  1.00 14.57 ? 6   THR B CG2 1 
ATOM   291 N N   . THR B 1 9  ? -1.113  -6.935  -3.136  1.00 12.92 ? 7   THR B N   1 
ATOM   292 C CA  A THR B 1 9  ? -0.802  -6.884  -1.686  0.50 13.26 ? 7   THR B CA  1 
ATOM   293 C CA  B THR B 1 9  ? -0.894  -6.957  -1.665  0.50 12.34 ? 7   THR B CA  1 
ATOM   294 C C   . THR B 1 9  ? 0.064   -8.112  -1.346  1.00 13.02 ? 7   THR B C   1 
ATOM   295 O O   . THR B 1 9  ? -0.123  -9.184  -1.919  1.00 13.02 ? 7   THR B O   1 
ATOM   296 C CB  A THR B 1 9  ? -2.075  -6.655  -0.855  0.50 13.72 ? 7   THR B CB  1 
ATOM   297 C CB  B THR B 1 9  ? -2.218  -7.161  -0.907  0.50 11.73 ? 7   THR B CB  1 
ATOM   298 O OG1 A THR B 1 9  ? -2.927  -5.729  -1.537  0.50 14.23 ? 7   THR B OG1 1 
ATOM   299 O OG1 B THR B 1 9  ? -2.790  -8.412  -1.300  0.50 10.25 ? 7   THR B OG1 1 
ATOM   300 C CG2 A THR B 1 9  ? -1.788  -6.084  0.517   0.50 14.22 ? 7   THR B CG2 1 
ATOM   301 C CG2 B THR B 1 9  ? -3.208  -6.038  -1.137  0.50 11.76 ? 7   THR B CG2 1 
ATOM   302 N N   . PHE B 1 10 ? 1.042   -7.904  -0.491  1.00 12.34 ? 8   PHE B N   1 
ATOM   303 C CA  . PHE B 1 10 ? 2.016   -8.948  -0.122  1.00 13.60 ? 8   PHE B CA  1 
ATOM   304 C C   . PHE B 1 10 ? 2.547   -8.630  1.272   1.00 13.29 ? 8   PHE B C   1 
ATOM   305 O O   . PHE B 1 10 ? 2.586   -7.480  1.697   1.00 13.61 ? 8   PHE B O   1 
ATOM   306 C CB  . PHE B 1 10 ? 3.144   -9.045  -1.157  1.00 13.85 ? 8   PHE B CB  1 
ATOM   307 C CG  . PHE B 1 10 ? 3.903   -7.765  -1.417  1.00 13.94 ? 8   PHE B CG  1 
ATOM   308 C CD1 . PHE B 1 10 ? 3.385   -6.776  -2.238  1.00 14.93 ? 8   PHE B CD1 1 
ATOM   309 C CD2 . PHE B 1 10 ? 5.153   -7.545  -0.849  1.00 14.77 ? 8   PHE B CD2 1 
ATOM   310 C CE1 . PHE B 1 10 ? 4.096   -5.606  -2.489  1.00 14.62 ? 8   PHE B CE1 1 
ATOM   311 C CE2 . PHE B 1 10 ? 5.869   -6.384  -1.108  1.00 14.28 ? 8   PHE B CE2 1 
ATOM   312 C CZ  . PHE B 1 10 ? 5.345   -5.418  -1.927  1.00 15.10 ? 8   PHE B CZ  1 
ATOM   313 N N   . ARG B 1 11 ? 2.901   -9.672  1.981   1.00 15.20 ? 9   ARG B N   1 
ATOM   314 C CA  . ARG B 1 11 ? 3.622   -9.572  3.264   1.00 16.07 ? 9   ARG B CA  1 
ATOM   315 C C   . ARG B 1 11 ? 5.107   -9.407  2.936   1.00 17.13 ? 9   ARG B C   1 
ATOM   316 O O   . ARG B 1 11 ? 5.624   -10.119 2.054   1.00 16.35 ? 9   ARG B O   1 
ATOM   317 C CB  . ARG B 1 11 ? 3.317   -10.813 4.099   1.00 16.75 ? 9   ARG B CB  1 
ATOM   318 C CG  . ARG B 1 11 ? 3.621   -10.652 5.576   1.00 18.26 ? 9   ARG B CG  1 
ATOM   319 C CD  . ARG B 1 11 ? 3.136   -11.889 6.280   1.00 19.29 ? 9   ARG B CD  1 
ATOM   320 N NE  . ARG B 1 11 ? 3.588   -11.933 7.649   1.00 20.61 ? 9   ARG B NE  1 
ATOM   321 C CZ  . ARG B 1 11 ? 3.029   -11.278 8.656   1.00 23.99 ? 9   ARG B CZ  1 
ATOM   322 N NH1 . ARG B 1 11 ? 1.971   -10.490 8.465   1.00 25.51 ? 9   ARG B NH1 1 
ATOM   323 N NH2 . ARG B 1 11 ? 3.548   -11.409 9.864   1.00 23.70 ? 9   ARG B NH2 1 
ATOM   324 N N   . ARG B 1 12 ? 5.757   -8.488  3.630   1.00 18.14 ? 10  ARG B N   1 
ATOM   325 C CA  . ARG B 1 12 ? 7.217   -8.256  3.549   1.00 19.68 ? 10  ARG B CA  1 
ATOM   326 C C   . ARG B 1 12 ? 7.718   -8.146  4.984   1.00 17.89 ? 10  ARG B C   1 
ATOM   327 O O   . ARG B 1 12 ? 7.277   -7.235  5.713   1.00 14.53 ? 10  ARG B O   1 
ATOM   328 C CB  . ARG B 1 12 ? 7.504   -6.984  2.753   1.00 23.38 ? 10  ARG B CB  1 
ATOM   329 C CG  . ARG B 1 12 ? 8.969   -6.779  2.413   1.00 28.27 ? 10  ARG B CG  1 
ATOM   330 C CD  . ARG B 1 12 ? 9.157   -5.373  1.888   1.00 34.60 ? 10  ARG B CD  1 
ATOM   331 N NE  . ARG B 1 12 ? 10.557  -4.995  1.854   1.00 40.37 ? 10  ARG B NE  1 
ATOM   332 C CZ  . ARG B 1 12 ? 11.040  -3.983  1.154   1.00 47.36 ? 10  ARG B CZ  1 
ATOM   333 N NH1 . ARG B 1 12 ? 10.227  -3.235  0.423   1.00 52.27 ? 10  ARG B NH1 1 
ATOM   334 N NH2 . ARG B 1 12 ? 12.337  -3.722  1.184   1.00 49.89 ? 10  ARG B NH2 1 
ATOM   335 N N   . ASP B 1 13 ? 8.559   -9.084  5.384   1.00 17.02 ? 11  ASP B N   1 
ATOM   336 C CA  . ASP B 1 13 ? 8.952   -9.245  6.801   1.00 17.36 ? 11  ASP B CA  1 
ATOM   337 C C   . ASP B 1 13 ? 7.655   -9.512  7.597   1.00 16.18 ? 11  ASP B C   1 
ATOM   338 O O   . ASP B 1 13 ? 6.979   -10.544 7.356   1.00 16.89 ? 11  ASP B O   1 
ATOM   339 C CB  . ASP B 1 13 ? 9.821   -8.050  7.235   1.00 17.87 ? 11  ASP B CB  1 
ATOM   340 C CG  . ASP B 1 13 ? 10.678  -8.338  8.467   1.00 17.76 ? 11  ASP B CG  1 
ATOM   341 O OD1 . ASP B 1 13 ? 10.635  -9.494  8.948   1.00 18.45 ? 11  ASP B OD1 1 
ATOM   342 O OD2 . ASP B 1 13 ? 11.382  -7.418  8.933   1.00 16.26 ? 11  ASP B OD2 1 
ATOM   343 N N   . CYS B 1 14 ? 7.264   -8.630  8.501   1.00 15.48 ? 12  CYS B N   1 
ATOM   344 C CA  . CYS B 1 14 ? 6.024   -8.806  9.302   1.00 15.11 ? 12  CYS B CA  1 
ATOM   345 C C   . CYS B 1 14 ? 4.964   -7.803  8.829   1.00 15.41 ? 12  CYS B C   1 
ATOM   346 O O   . CYS B 1 14 ? 3.875   -7.736  9.456   1.00 15.60 ? 12  CYS B O   1 
ATOM   347 C CB  . CYS B 1 14 ? 6.333   -8.668  10.791  1.00 15.06 ? 12  CYS B CB  1 
ATOM   348 S SG  . CYS B 1 14 ? 6.605   -6.966  11.347  1.00 14.91 ? 12  CYS B SG  1 
ATOM   349 N N   . ASN B 1 15 ? 5.248   -7.047  7.765   1.00 14.80 ? 13  ASN B N   1 
ATOM   350 C CA  . ASN B 1 15 ? 4.405   -5.894  7.355   1.00 14.04 ? 13  ASN B CA  1 
ATOM   351 C C   . ASN B 1 15 ? 3.588   -6.216  6.105   1.00 13.65 ? 13  ASN B C   1 
ATOM   352 O O   . ASN B 1 15 ? 3.976   -7.125  5.314   1.00 13.58 ? 13  ASN B O   1 
ATOM   353 C CB  . ASN B 1 15 ? 5.246   -4.632  7.180   1.00 14.27 ? 13  ASN B CB  1 
ATOM   354 C CG  . ASN B 1 15 ? 5.537   -4.003  8.520   1.00 14.36 ? 13  ASN B CG  1 
ATOM   355 O OD1 . ASN B 1 15 ? 6.693   -3.835  8.902   1.00 15.74 ? 13  ASN B OD1 1 
ATOM   356 N ND2 . ASN B 1 15 ? 4.487   -3.761  9.275   1.00 13.48 ? 13  ASN B ND2 1 
ATOM   357 N N   . THR B 1 16 ? 2.483   -5.492  5.948   1.00 12.71 ? 14  THR B N   1 
ATOM   358 C CA  . THR B 1 16 ? 1.617   -5.579  4.770   1.00 13.62 ? 14  THR B CA  1 
ATOM   359 C C   . THR B 1 16 ? 2.022   -4.439  3.839   1.00 13.17 ? 14  THR B C   1 
ATOM   360 O O   . THR B 1 16 ? 2.139   -3.296  4.326   1.00 12.29 ? 14  THR B O   1 
ATOM   361 C CB  . THR B 1 16 ? 0.126   -5.561  5.128   1.00 14.88 ? 14  THR B CB  1 
ATOM   362 O OG1 . THR B 1 16 ? -0.139  -6.840  5.708   1.00 16.29 ? 14  THR B OG1 1 
ATOM   363 C CG2 . THR B 1 16 ? -0.740  -5.329  3.909   1.00 15.00 ? 14  THR B CG2 1 
ATOM   364 N N   . CYS B 1 17 ? 2.216   -4.766  2.559   1.00 12.72 ? 15  CYS B N   1 
ATOM   365 C CA  . CYS B 1 17 ? 2.629   -3.812  1.506   1.00 13.00 ? 15  CYS B CA  1 
ATOM   366 C C   . CYS B 1 17 ? 1.592   -3.839  0.394   1.00 13.66 ? 15  CYS B C   1 
ATOM   367 O O   . CYS B 1 17 ? 1.012   -4.927  0.111   1.00 14.12 ? 15  CYS B O   1 
ATOM   368 C CB  . CYS B 1 17 ? 4.010   -4.145  0.952   1.00 13.53 ? 15  CYS B CB  1 
ATOM   369 S SG  . CYS B 1 17 ? 5.324   -4.114  2.200   1.00 13.84 ? 15  CYS B SG  1 
ATOM   370 N N   . VAL B 1 18 ? 1.395   -2.691  -0.231  1.00 12.84 ? 16  VAL B N   1 
ATOM   371 C CA  . VAL B 1 18 ? 0.587   -2.579  -1.462  1.00 13.24 ? 16  VAL B CA  1 
ATOM   372 C C   . VAL B 1 18 ? 1.480   -1.947  -2.533  1.00 12.84 ? 16  VAL B C   1 
ATOM   373 O O   . VAL B 1 18 ? 2.063   -0.870  -2.290  1.00 12.31 ? 16  VAL B O   1 
ATOM   374 C CB  . VAL B 1 18 ? -0.716  -1.796  -1.212  1.00 13.50 ? 16  VAL B CB  1 
ATOM   375 C CG1 . VAL B 1 18 ? -1.564  -1.730  -2.475  1.00 13.84 ? 16  VAL B CG1 1 
ATOM   376 C CG2 . VAL B 1 18 ? -1.532  -2.373  -0.067  1.00 13.64 ? 16  VAL B CG2 1 
ATOM   377 N N   . CYS B 1 19 ? 1.587   -2.615  -3.675  1.00 12.97 ? 17  CYS B N   1 
ATOM   378 C CA  . CYS B 1 19 ? 2.340   -2.132  -4.852  1.00 12.42 ? 17  CYS B CA  1 
ATOM   379 C C   . CYS B 1 19 ? 1.620   -0.923  -5.430  1.00 12.61 ? 17  CYS B C   1 
ATOM   380 O O   . CYS B 1 19 ? 0.361   -0.965  -5.575  1.00 11.71 ? 17  CYS B O   1 
ATOM   381 C CB  . CYS B 1 19 ? 2.465   -3.217  -5.917  1.00 12.68 ? 17  CYS B CB  1 
ATOM   382 S SG  . CYS B 1 19 ? 3.526   -2.757  -7.303  1.00 13.75 ? 17  CYS B SG  1 
ATOM   383 N N   . ASN B 1 20 ? 2.402   0.100   -5.782  1.00 12.83 ? 18  ASN B N   1 
ATOM   384 C CA  . ASN B 1 20 ? 1.848   1.373   -6.294  1.00 13.39 ? 18  ASN B CA  1 
ATOM   385 C C   . ASN B 1 20 ? 1.310   1.134   -7.712  1.00 14.43 ? 18  ASN B C   1 
ATOM   386 O O   . ASN B 1 20 ? 1.460   0.011   -8.263  1.00 13.09 ? 18  ASN B O   1 
ATOM   387 C CB  . ASN B 1 20 ? 2.848   2.525   -6.171  1.00 12.86 ? 18  ASN B CB  1 
ATOM   388 C CG  . ASN B 1 20 ? 4.017   2.467   -7.131  1.00 12.90 ? 18  ASN B CG  1 
ATOM   389 O OD1 . ASN B 1 20 ? 4.070   1.649   -8.039  1.00 12.47 ? 18  ASN B OD1 1 
ATOM   390 N ND2 . ASN B 1 20 ? 4.970   3.354   -6.943  1.00 12.80 ? 18  ASN B ND2 1 
ATOM   391 N N   . ARG B 1 21 ? 0.708   2.166   -8.294  1.00 16.64 ? 19  ARG B N   1 
ATOM   392 C CA  . ARG B 1 21 ? -0.012  2.052   -9.580  1.00 18.62 ? 19  ARG B CA  1 
ATOM   393 C C   . ARG B 1 21 ? 0.975   1.787   -10.726 1.00 17.12 ? 19  ARG B C   1 
ATOM   394 O O   . ARG B 1 21 ? 0.560   1.175   -11.738 1.00 16.05 ? 19  ARG B O   1 
ATOM   395 C CB  . ARG B 1 21 ? -0.793  3.338   -9.815  1.00 23.28 ? 19  ARG B CB  1 
ATOM   396 C CG  . ARG B 1 21 ? -1.853  3.205   -10.888 1.00 30.03 ? 19  ARG B CG  1 
ATOM   397 C CD  . ARG B 1 21 ? -2.338  4.577   -11.318 1.00 37.56 ? 19  ARG B CD  1 
ATOM   398 N NE  . ARG B 1 21 ? -3.390  5.072   -10.441 1.00 45.12 ? 19  ARG B NE  1 
ATOM   399 C CZ  . ARG B 1 21 ? -4.657  4.643   -10.434 1.00 49.15 ? 19  ARG B CZ  1 
ATOM   400 N NH1 . ARG B 1 21 ? -5.055  3.684   -11.261 1.00 49.44 ? 19  ARG B NH1 1 
ATOM   401 N NH2 . ARG B 1 21 ? -5.525  5.187   -9.594  1.00 49.39 ? 19  ARG B NH2 1 
ATOM   402 N N   . ASP B 1 22 ? 2.226   2.247   -10.603 1.00 15.30 ? 20  ASP B N   1 
ATOM   403 C CA  . ASP B 1 22 ? 3.222   2.196   -11.718 1.00 14.85 ? 20  ASP B CA  1 
ATOM   404 C C   . ASP B 1 22 ? 4.134   0.966   -11.582 1.00 13.56 ? 20  ASP B C   1 
ATOM   405 O O   . ASP B 1 22 ? 5.019   0.769   -12.446 1.00 13.56 ? 20  ASP B O   1 
ATOM   406 C CB  . ASP B 1 22 ? 3.975   3.530   -11.807 1.00 15.57 ? 20  ASP B CB  1 
ATOM   407 C CG  . ASP B 1 22 ? 3.066   4.686   -12.220 1.00 17.04 ? 20  ASP B CG  1 
ATOM   408 O OD1 . ASP B 1 22 ? 2.486   4.633   -13.319 1.00 16.65 ? 20  ASP B OD1 1 
ATOM   409 O OD2 . ASP B 1 22 ? 2.912   5.615   -11.432 1.00 19.38 ? 20  ASP B OD2 1 
ATOM   410 N N   . GLY B 1 23 ? 3.977   0.175   -10.523 1.00 12.79 ? 21  GLY B N   1 
ATOM   411 C CA  . GLY B 1 23 ? 4.806   -1.019  -10.278 1.00 12.60 ? 21  GLY B CA  1 
ATOM   412 C C   . GLY B 1 23 ? 6.239   -0.695  -9.898  1.00 12.23 ? 21  GLY B C   1 
ATOM   413 O O   . GLY B 1 23 ? 7.111   -1.540  -10.178 1.00 12.42 ? 21  GLY B O   1 
ATOM   414 N N   . THR B 1 24 ? 6.522   0.462   -9.287  1.00 12.29 ? 22  THR B N   1 
ATOM   415 C CA  . THR B 1 24 ? 7.931   0.881   -9.006  1.00 13.46 ? 22  THR B CA  1 
ATOM   416 C C   . THR B 1 24 ? 8.262   0.850   -7.516  1.00 13.78 ? 22  THR B C   1 
ATOM   417 O O   . THR B 1 24 ? 9.459   0.974   -7.175  1.00 14.38 ? 22  THR B O   1 
ATOM   418 C CB  . THR B 1 24 ? 8.237   2.302   -9.495  1.00 13.37 ? 22  THR B CB  1 
ATOM   419 O OG1 . THR B 1 24 ? 7.345   3.199   -8.849  1.00 12.85 ? 22  THR B OG1 1 
ATOM   420 C CG2 . THR B 1 24 ? 8.104   2.459   -10.985 1.00 13.70 ? 22  THR B CG2 1 
ATOM   421 N N   . ASN B 1 25 ? 7.255   0.788   -6.650  1.00 13.47 ? 23  ASN B N   1 
ATOM   422 C CA  . ASN B 1 25 ? 7.464   0.924   -5.188  1.00 13.71 ? 23  ASN B CA  1 
ATOM   423 C C   . ASN B 1 25 ? 6.230   0.334   -4.497  1.00 13.09 ? 23  ASN B C   1 
ATOM   424 O O   . ASN B 1 25 ? 5.266   0.001   -5.205  1.00 10.92 ? 23  ASN B O   1 
ATOM   425 C CB  . ASN B 1 25 ? 7.749   2.381   -4.827  1.00 15.52 ? 23  ASN B CB  1 
ATOM   426 C CG  . ASN B 1 25 ? 8.194   2.595   -3.397  1.00 18.33 ? 23  ASN B CG  1 
ATOM   427 O OD1 . ASN B 1 25 ? 9.028   1.844   -2.879  1.00 18.86 ? 23  ASN B OD1 1 
ATOM   428 N ND2 . ASN B 1 25 ? 7.630   3.618   -2.751  1.00 19.04 ? 23  ASN B ND2 1 
ATOM   429 N N   . ALA B 1 26 ? 6.283   0.169   -3.177  1.00 12.11 ? 24  ALA B N   1 
ATOM   430 C CA  . ALA B 1 26 ? 5.121   -0.247  -2.361  1.00 11.88 ? 24  ALA B CA  1 
ATOM   431 C C   . ALA B 1 26 ? 5.096   0.592   -1.084  1.00 11.32 ? 24  ALA B C   1 
ATOM   432 O O   . ALA B 1 26 ? 6.170   0.998   -0.629  1.00 11.55 ? 24  ALA B O   1 
ATOM   433 C CB  . ALA B 1 26 ? 5.218   -1.720  -2.061  1.00 11.89 ? 24  ALA B CB  1 
ATOM   434 N N   . ALA B 1 27 ? 3.904   0.848   -0.560  1.00 11.14 ? 25  ALA B N   1 
ATOM   435 C CA  . ALA B 1 27 ? 3.691   1.397   0.789   1.00 11.23 ? 25  ALA B CA  1 
ATOM   436 C C   . ALA B 1 27 ? 3.393   0.226   1.732   1.00 11.11 ? 25  ALA B C   1 
ATOM   437 O O   . ALA B 1 27 ? 2.582   -0.653  1.414   1.00 10.30 ? 25  ALA B O   1 
ATOM   438 C CB  . ALA B 1 27 ? 2.613   2.446   0.769   1.00 11.36 ? 25  ALA B CB  1 
ATOM   439 N N   . CYS B 1 28 ? 4.093   0.190   2.854   1.00 11.83 ? 26  CYS B N   1 
ATOM   440 C CA  . CYS B 1 28 ? 4.054   -0.921  3.825   1.00 12.01 ? 26  CYS B CA  1 
ATOM   441 C C   . CYS B 1 28 ? 3.637   -0.384  5.198   1.00 11.82 ? 26  CYS B C   1 
ATOM   442 O O   . CYS B 1 28 ? 3.962   0.763   5.545   1.00 11.86 ? 26  CYS B O   1 
ATOM   443 C CB  . CYS B 1 28 ? 5.402   -1.619  3.922   1.00 12.66 ? 26  CYS B CB  1 
ATOM   444 S SG  . CYS B 1 28 ? 5.984   -2.223  2.318   1.00 13.68 ? 26  CYS B SG  1 
ATOM   445 N N   . THR B 1 29 ? 2.990   -1.224  5.983   1.00 11.92 ? 27  THR B N   1 
ATOM   446 C CA  . THR B 1 29 ? 2.743   -0.933  7.416   1.00 12.07 ? 27  THR B CA  1 
ATOM   447 C C   . THR B 1 29 ? 4.103   -0.798  8.101   1.00 12.32 ? 27  THR B C   1 
ATOM   448 O O   . THR B 1 29 ? 5.126   -1.202  7.503   1.00 11.68 ? 27  THR B O   1 
ATOM   449 C CB  . THR B 1 29 ? 1.781   -1.945  8.031   1.00 11.30 ? 27  THR B CB  1 
ATOM   450 O OG1 . THR B 1 29 ? 2.340   -3.258  7.898   1.00 10.49 ? 27  THR B OG1 1 
ATOM   451 C CG2 . THR B 1 29 ? 0.399   -1.868  7.408   1.00 11.38 ? 27  THR B CG2 1 
ATOM   452 N N   . LEU B 1 30 ? 4.106   -0.219  9.306   1.00 13.13 ? 28  LEU B N   1 
ATOM   453 C CA  . LEU B 1 30 ? 5.350   0.264   9.950   1.00 13.94 ? 28  LEU B CA  1 
ATOM   454 C C   . LEU B 1 30 ? 5.528   -0.434  11.299  1.00 15.23 ? 28  LEU B C   1 
ATOM   455 O O   . LEU B 1 30 ? 6.139   0.176   12.204  1.00 16.01 ? 28  LEU B O   1 
ATOM   456 C CB  . LEU B 1 30 ? 5.314   1.791   10.100  1.00 13.98 ? 28  LEU B CB  1 
ATOM   457 C CG  . LEU B 1 30 ? 5.383   2.613   8.814   1.00 13.93 ? 28  LEU B CG  1 
ATOM   458 C CD1 . LEU B 1 30 ? 5.296   4.090   9.148   1.00 14.14 ? 28  LEU B CD1 1 
ATOM   459 C CD2 . LEU B 1 30 ? 6.647   2.308   8.026   1.00 14.73 ? 28  LEU B CD2 1 
ATOM   460 N N   . ARG B 1 31 ? 5.086   -1.690  11.407  1.00 17.02 ? 29  ARG B N   1 
ATOM   461 C CA  . ARG B 1 31 ? 5.426   -2.563  12.567  1.00 19.46 ? 29  ARG B CA  1 
ATOM   462 C C   . ARG B 1 31 ? 6.943   -2.755  12.621  1.00 19.37 ? 29  ARG B C   1 
ATOM   463 O O   . ARG B 1 31 ? 7.589   -2.881  11.556  1.00 18.94 ? 29  ARG B O   1 
ATOM   464 C CB  . ARG B 1 31 ? 4.654   -3.892  12.546  1.00 22.04 ? 29  ARG B CB  1 
ATOM   465 C CG  . ARG B 1 31 ? 3.143   -3.705  12.622  1.00 24.66 ? 29  ARG B CG  1 
ATOM   466 C CD  . ARG B 1 31 ? 2.348   -4.984  12.824  1.00 27.04 ? 29  ARG B CD  1 
ATOM   467 N NE  . ARG B 1 31 ? 2.280   -5.787  11.604  1.00 28.61 ? 29  ARG B NE  1 
ATOM   468 C CZ  . ARG B 1 31 ? 1.456   -5.556  10.583  1.00 29.32 ? 29  ARG B CZ  1 
ATOM   469 N NH1 . ARG B 1 31 ? 0.599   -4.550  10.626  1.00 28.57 ? 29  ARG B NH1 1 
ATOM   470 N NH2 . ARG B 1 31 ? 1.469   -6.362  9.534   1.00 30.06 ? 29  ARG B NH2 1 
ATOM   471 N N   . ALA B 1 32 ? 7.487   -2.687  13.837  1.00 19.11 ? 30  ALA B N   1 
ATOM   472 C CA  . ALA B 1 32 ? 8.863   -3.098  14.179  1.00 20.62 ? 30  ALA B CA  1 
ATOM   473 C C   . ALA B 1 32 ? 8.864   -4.623  14.234  1.00 20.93 ? 30  ALA B C   1 
ATOM   474 O O   . ALA B 1 32 ? 8.179   -5.177  15.111  1.00 25.87 ? 30  ALA B O   1 
ATOM   475 C CB  . ALA B 1 32 ? 9.272   -2.491  15.501  1.00 21.29 ? 30  ALA B CB  1 
ATOM   476 N N   . CYS B 1 33 ? 9.503   -5.288  13.271  1.00 19.71 ? 31  CYS B N   1 
ATOM   477 C CA  . CYS B 1 33 ? 9.415   -6.763  13.129  1.00 18.44 ? 31  CYS B CA  1 
ATOM   478 C C   . CYS B 1 33 ? 10.476  -7.384  14.032  1.00 20.68 ? 31  CYS B C   1 
ATOM   479 O O   . CYS B 1 33 ? 11.594  -6.843  14.073  1.00 21.35 ? 31  CYS B O   1 
ATOM   480 C CB  . CYS B 1 33 ? 9.599   -7.189  11.683  1.00 16.55 ? 31  CYS B CB  1 
ATOM   481 S SG  . CYS B 1 33 ? 8.383   -6.435  10.572  1.00 15.26 ? 31  CYS B SG  1 
ATOM   482 N N   . LEU B 1 34 ? 10.123  -8.466  14.720  1.00 24.42 ? 32  LEU B N   1 
ATOM   483 C CA  . LEU B 1 34 ? 11.029  -9.241  15.606  1.00 28.63 ? 32  LEU B CA  1 
ATOM   484 C C   . LEU B 1 34 ? 11.222  -10.655 15.033  1.00 29.19 ? 32  LEU B C   1 
ATOM   485 O O   . LEU B 1 34 ? 12.192  -11.358 15.319  1.00 31.22 ? 32  LEU B O   1 
ATOM   486 C CB  . LEU B 1 34 ? 10.410  -9.260  17.006  1.00 31.95 ? 32  LEU B CB  1 
ATOM   487 C CG  . LEU B 1 34 ? 10.181  -7.887  17.633  1.00 35.04 ? 32  LEU B CG  1 
ATOM   488 C CD1 . LEU B 1 34 ? 9.670   -8.030  19.054  1.00 37.15 ? 32  LEU B CD1 1 
ATOM   489 C CD2 . LEU B 1 34 ? 11.452  -7.048  17.614  1.00 36.72 ? 32  LEU B CD2 1 
ATOM   490 O OXT . LEU B 1 34 ? 10.439  -11.157 14.233  1.00 30.32 ? 32  LEU B OXT 1 
HETATM 491 C C1  . GOL C 2 .  ? 9.312   3.677   0.642   1.00 49.81 ? 101 GOL A C1  1 
HETATM 492 O O1  . GOL C 2 .  ? 8.614   2.435   0.716   1.00 50.98 ? 101 GOL A O1  1 
HETATM 493 C C2  . GOL C 2 .  ? 8.493   4.845   1.162   1.00 47.77 ? 101 GOL A C2  1 
HETATM 494 O O2  . GOL C 2 .  ? 9.298   5.638   2.026   1.00 48.52 ? 101 GOL A O2  1 
HETATM 495 C C3  . GOL C 2 .  ? 7.249   4.452   1.918   1.00 45.52 ? 101 GOL A C3  1 
HETATM 496 O O3  . GOL C 2 .  ? 6.094   4.509   1.095   1.00 51.14 ? 101 GOL A O3  1 
HETATM 497 C C1  . GOL D 2 .  ? 4.441   5.060   -3.927  1.00 37.43 ? 101 GOL B C1  1 
HETATM 498 O O1  . GOL D 2 .  ? 5.842   5.130   -4.158  1.00 38.80 ? 101 GOL B O1  1 
HETATM 499 C C2  . GOL D 2 .  ? 4.137   4.290   -2.658  1.00 39.64 ? 101 GOL B C2  1 
HETATM 500 O O2  . GOL D 2 .  ? 5.034   4.640   -1.601  1.00 40.16 ? 101 GOL B O2  1 
HETATM 501 C C3  . GOL D 2 .  ? 2.736   4.563   -2.188  1.00 38.32 ? 101 GOL B C3  1 
HETATM 502 O O3  . GOL D 2 .  ? 2.669   5.856   -1.606  1.00 40.96 ? 101 GOL B O3  1 
HETATM 503 O O   . HOH E 3 .  ? 1.262   14.524  -0.952  1.00 31.32 ? 201 HOH A O   1 
HETATM 504 O O   . HOH E 3 .  ? -15.192 1.094   1.966   1.00 47.05 ? 202 HOH A O   1 
HETATM 505 O O   . HOH E 3 .  ? -18.137 -2.673  -4.447  1.00 30.59 ? 203 HOH A O   1 
HETATM 506 O O   . HOH E 3 .  ? -7.555  -5.323  -9.574  1.00 29.48 ? 204 HOH A O   1 
HETATM 507 O O   . HOH E 3 .  ? 1.738   3.268   11.420  1.00 20.57 ? 205 HOH A O   1 
HETATM 508 O O   . HOH E 3 .  ? -10.962 6.965   2.933   1.00 31.00 ? 206 HOH A O   1 
HETATM 509 O O   . HOH E 3 .  ? 7.189   13.101  0.597   1.00 32.22 ? 207 HOH A O   1 
HETATM 510 O O   . HOH E 3 .  ? -17.092 5.087   -0.850  1.00 27.26 ? 208 HOH A O   1 
HETATM 511 O O   . HOH E 3 .  ? 8.132   9.430   8.238   1.00 27.11 ? 209 HOH A O   1 
HETATM 512 O O   . HOH E 3 .  ? -1.646  0.488   -6.751  1.00 14.81 ? 210 HOH A O   1 
HETATM 513 O O   . HOH E 3 .  ? -7.415  2.046   -6.504  1.00 21.57 ? 211 HOH A O   1 
HETATM 514 O O   . HOH E 3 .  ? -0.019  13.195  6.993   1.00 33.89 ? 212 HOH A O   1 
HETATM 515 O O   . HOH E 3 .  ? -2.907  6.934   -4.035  1.00 19.00 ? 213 HOH A O   1 
HETATM 516 O O   . HOH E 3 .  ? -16.274 -3.895  0.076   1.00 35.24 ? 214 HOH A O   1 
HETATM 517 O O   . HOH E 3 .  ? -11.004 2.778   -4.908  1.00 20.23 ? 215 HOH A O   1 
HETATM 518 O O   . HOH E 3 .  ? -5.687  -4.899  -6.903  1.00 16.74 ? 216 HOH A O   1 
HETATM 519 O O   . HOH E 3 .  ? -12.609 -4.804  0.064   1.00 38.80 ? 217 HOH A O   1 
HETATM 520 O O   . HOH E 3 .  ? -0.857  14.267  -2.324  1.00 56.34 ? 218 HOH A O   1 
HETATM 521 O O   . HOH E 3 .  ? -14.318 5.238   0.787   1.00 24.83 ? 219 HOH A O   1 
HETATM 522 O O   . HOH E 3 .  ? 9.364   13.686  4.523   1.00 34.29 ? 220 HOH A O   1 
HETATM 523 O O   . HOH E 3 .  ? 2.721   14.463  6.356   1.00 35.47 ? 221 HOH A O   1 
HETATM 524 O O   . HOH E 3 .  ? -4.800  7.520   7.973   1.00 35.74 ? 222 HOH A O   1 
HETATM 525 O O   . HOH E 3 .  ? 0.465   15.039  5.474   1.00 32.20 ? 223 HOH A O   1 
HETATM 526 O O   . HOH E 3 .  ? -11.508 -5.894  -10.012 1.00 23.17 ? 224 HOH A O   1 
HETATM 527 O O   . HOH E 3 .  ? -7.105  5.164   -5.507  1.00 28.87 ? 225 HOH A O   1 
HETATM 528 O O   . HOH E 3 .  ? -16.794 -1.524  -0.368  1.00 29.65 ? 226 HOH A O   1 
HETATM 529 O O   . HOH E 3 .  ? 0.855   6.180   -5.172  1.00 34.76 ? 227 HOH A O   1 
HETATM 530 O O   . HOH E 3 .  ? -2.046  3.064   -5.894  1.00 17.08 ? 228 HOH A O   1 
HETATM 531 O O   . HOH E 3 .  ? -1.896  -0.398  9.865   1.00 32.79 ? 229 HOH A O   1 
HETATM 532 O O   . HOH E 3 .  ? -0.081  11.092  -6.599  1.00 39.36 ? 230 HOH A O   1 
HETATM 533 O O   . HOH E 3 .  ? -11.204 3.963   6.075   1.00 34.99 ? 231 HOH A O   1 
HETATM 534 O O   . HOH E 3 .  ? -15.005 1.286   -10.030 1.00 38.09 ? 232 HOH A O   1 
HETATM 535 O O   . HOH E 3 .  ? 8.527   1.492   4.963   1.00 28.23 ? 233 HOH A O   1 
HETATM 536 O O   . HOH E 3 .  ? -15.893 5.299   -8.752  1.00 26.56 ? 234 HOH A O   1 
HETATM 537 O O   . HOH E 3 .  ? 12.542  -0.270  6.310   1.00 45.06 ? 235 HOH A O   1 
HETATM 538 O O   . HOH F 3 .  ? 7.882   6.223   -4.942  1.00 20.29 ? 201 HOH B O   1 
HETATM 539 O O   . HOH F 3 .  ? 7.998   -7.526  -6.176  1.00 27.91 ? 202 HOH B O   1 
HETATM 540 O O   . HOH F 3 .  ? 11.125  -4.914  8.116   1.00 18.74 ? 203 HOH B O   1 
HETATM 541 O O   . HOH F 3 .  ? 0.757   -10.584 -3.996  1.00 29.56 ? 204 HOH B O   1 
HETATM 542 O O   . HOH F 3 .  ? 12.326  -4.370  14.721  1.00 24.41 ? 205 HOH B O   1 
HETATM 543 O O   . HOH F 3 .  ? -3.832  -5.413  -8.983  1.00 16.54 ? 206 HOH B O   1 
HETATM 544 O O   . HOH F 3 .  ? 7.727   -0.906  6.844   1.00 21.25 ? 207 HOH B O   1 
HETATM 545 O O   . HOH F 3 .  ? 3.904   3.590   -15.419 1.00 25.92 ? 208 HOH B O   1 
HETATM 546 O O   . HOH F 3 .  ? 8.942   -10.645 11.969  1.00 28.91 ? 209 HOH B O   1 
HETATM 547 O O   . HOH F 3 .  ? 4.481   3.488   5.286   1.00 15.59 ? 210 HOH B O   1 
HETATM 548 O O   . HOH F 3 .  ? 2.591   4.948   -8.739  1.00 20.51 ? 211 HOH B O   1 
HETATM 549 O O   . HOH F 3 .  ? 6.490   6.915   -0.854  1.00 36.68 ? 212 HOH B O   1 
HETATM 550 O O   . HOH F 3 .  ? 4.178   -8.191  -7.357  1.00 17.10 ? 213 HOH B O   1 
HETATM 551 O O   . HOH F 3 .  ? -0.261  2.959   -13.769 1.00 50.05 ? 214 HOH B O   1 
HETATM 552 O O   . HOH F 3 .  ? 8.641   -4.519  6.945   1.00 23.61 ? 215 HOH B O   1 
HETATM 553 O O   . HOH F 3 .  ? -2.784  -9.003  -4.190  1.00 21.35 ? 216 HOH B O   1 
HETATM 554 O O   . HOH F 3 .  ? 1.731   0.537   10.731  1.00 17.95 ? 217 HOH B O   1 
HETATM 555 O O   . HOH F 3 .  ? 6.016   2.263   3.497   1.00 14.24 ? 218 HOH B O   1 
HETATM 556 O O   . HOH F 3 .  ? 7.449   -10.597 -0.167  1.00 44.28 ? 219 HOH B O   1 
HETATM 557 O O   . HOH F 3 .  ? 10.437  -3.653  11.008  1.00 27.96 ? 220 HOH B O   1 
HETATM 558 O O   . HOH F 3 .  ? 10.956  -0.893  -11.972 1.00 19.44 ? 221 HOH B O   1 
HETATM 559 O O   . HOH F 3 .  ? 0.115   4.706   -6.737  1.00 21.48 ? 222 HOH B O   1 
HETATM 560 O O   . HOH F 3 .  ? 4.234   -12.497 0.774   1.00 46.55 ? 223 HOH B O   1 
HETATM 561 O O   . HOH F 3 .  ? 5.465   -2.460  16.171  1.00 21.72 ? 224 HOH B O   1 
HETATM 562 O O   . HOH F 3 .  ? -4.597  3.614   -6.948  1.00 38.12 ? 225 HOH B O   1 
HETATM 563 O O   . HOH F 3 .  ? 2.746   1.192   -15.927 1.00 32.73 ? 226 HOH B O   1 
HETATM 564 O O   . HOH F 3 .  ? 10.262  -8.234  -1.193  1.00 44.22 ? 227 HOH B O   1 
# 
